data_9CCJ
#
_entry.id   9CCJ
#
_cell.length_a   1.00
_cell.length_b   1.00
_cell.length_c   1.00
_cell.angle_alpha   90.00
_cell.angle_beta   90.00
_cell.angle_gamma   90.00
#
_symmetry.space_group_name_H-M   'P 1'
#
loop_
_entity.id
_entity.type
_entity.pdbx_description
1 polymer 'M2 Fab Heavy Chain'
2 polymer 'M2 Fab Light Chain'
3 polymer 'Spike glycoprotein'
4 branched beta-D-mannopyranose-(1-4)-2-acetamido-2-deoxy-beta-D-glucopyranose-(1-4)-2-acetamido-2-deoxy-beta-D-glucopyranose
5 branched 2-acetamido-2-deoxy-beta-D-glucopyranose-(1-4)-2-acetamido-2-deoxy-beta-D-glucopyranose
6 non-polymer 2-acetamido-2-deoxy-beta-D-glucopyranose
#
loop_
_entity_poly.entity_id
_entity_poly.type
_entity_poly.pdbx_seq_one_letter_code
_entity_poly.pdbx_strand_id
1 'polypeptide(L)'
;QLQESGPGLVKPSEILSLTCSVSGGSINTNMYYWGWIRQPPGKGLEWIGSIYYSGTTYYNPSLKSRVTMSVDTSENQFSL
KLTSVTAADTSVYFCARLPLGERIDYWGRGTLVTVSSASTKGPSVFPLAPSSKSTSGGTAALGCLVKDYFPEPVTVSWNS
GALTSGVHTFPAVLQSSGLYSLSSVVTVPSSSLGTQTYICNVNHKPSNTKVDKRVEPKSCDK
;
H
2 'polypeptide(L)'
;SSDLTQPPSVSVSPGQTASITCSGNKLGDTYVFWYQQKPGQSPVAVINEDNKRPSGIPERFSGSNSGNTATLTISGTQTM
DEADYYCQVWDSSQMVFGGGTKLTVLGQPKAAPSVTLFPPSSEELQANKATLVCLISDFYPGAVTVAWKADSSPVKAGVE
TTTPSKQSNNKYAASSYLSLTPEQWKSHRSYSCQVTHEGSTVEKTVAPTECS
;
L
3 'polypeptide(L)'
;(PCA)CVNLITRTQSYTNSFTRGVYYPDKVFRSSVLHSTQDLFLPFFSNVTWFHAIHVSGTNGTKRFDNPALPFNDGVYF
ASTEKSNIIRGWIFGTTLDSKTQSLLIVNNATNVVIKVCEFQFCNDPFLDVYQKNNKSWMESEFRVYSSANNCTFEYVSQ
PFLMDLEGKEGNFKNLREFVFKNIDGYFKIYSKHTPINLERDLPQGFSALEPLVDLPIGINITRFQTLLALHRSYLTPVD
SSSGWTAGAAAYYVGYLQPRTFLLKYNENGTITDAVDCALDPLSETKCTLKSFIVEKGIYQTSNFRVQPTESIVRFPNIT
NLCPFHEVFNATTFASVYAWNRKRISNCVADYSVIYNFAPFFAFKCYGVSPTKLNDLCFTNVYADSFVIRGNEVSQIAPG
QTGNIADYNYKLPDDFTGCVIAWNSNKLDSKPSGNYNYLYRFLRKSKLKPFERDISTEIYQVGNKPCNGVAGPNCYSPLQ
SYGFRPTYGVGHQPYRVVVLSFELLHAPATVCGPKKSTNLVKNKCVNFNFNGLTGTGVLTESNKKFLPFQQFGRDIADTT
DAVRDPQTLEILDITPCSFGGVSVITPGTNTSNQVAVLYQGVNCTEVPVAIHADQLTPTWRVYSTGSNVFQTRAGCLIGA
EYVNNSYECDIPIGAGICASYQTQTKSHGSASSVASQSIIAYTMSLGAENSVAYSNNSIAIPTNFTISVTTEILPVSMTK
TSVDCTMYICGDSTECSNLLLQYGSFCTQLKRALTGIAVEQDKNTQEVFAQVKQIYKTPPIKYFGGFNFSQILPDPSKPS
KRSPIEDLLFNKVTLADAGFIKQYGDCLGDIAARDLICAQKFNGLTVLPPLLTDEMIAQYTSALLAGTITSGWTFGAGPA
LQIPFPMQMAYRFNGIGVTQNVLYENQKLIANQFNSAIGKIQDSLSSTPSALGKLQDVVNHNAQALNTLVKQLSSKFGAI
SSVLNDILSRLDPPEAEVQIDRLITGRLQSLQTYVTQQLIRAAEIRASANLAATKMSECVLGQSKRVDFCGKGYHLMSFP
QSAPHGVVFLHVTYVPAQEKNFTTAPAICHDGKAHFPREGVFVSNGTHWFVTQRNFYEPQIITTDNTFVSGNCDVVIGIV
NNTVYDPLQPELDSFKEELDKYFKNHTSPDVDLGDISGINASVVNIQKEIDRLNEVAKNLNESLIDLQELGKYEQGSGYI
PEAPRDGQAYVRKDGEWVLLSTFLGRSLEVLFQ
;
A
#
# COMPACT_ATOMS: atom_id res chain seq x y z
N GLN A 1 7.45 -6.24 -13.07
CA GLN A 1 7.89 -7.56 -12.62
C GLN A 1 8.69 -7.47 -11.33
N LEU A 2 8.25 -8.21 -10.32
CA LEU A 2 8.85 -8.20 -8.99
C LEU A 2 9.26 -9.62 -8.62
N GLN A 3 10.48 -9.77 -8.11
CA GLN A 3 10.97 -11.09 -7.72
C GLN A 3 11.53 -11.05 -6.31
N GLU A 4 11.07 -11.96 -5.46
CA GLU A 4 11.57 -12.07 -4.09
C GLU A 4 12.78 -12.99 -4.03
N SER A 5 13.60 -12.78 -3.01
CA SER A 5 14.77 -13.61 -2.77
C SER A 5 15.09 -13.56 -1.29
N GLY A 6 15.58 -14.68 -0.76
CA GLY A 6 15.94 -14.77 0.64
C GLY A 6 15.79 -16.16 1.19
N PRO A 7 16.32 -16.39 2.39
CA PRO A 7 16.21 -17.73 2.99
C PRO A 7 14.77 -18.13 3.24
N GLY A 8 14.50 -19.42 3.08
CA GLY A 8 13.17 -19.94 3.34
C GLY A 8 13.03 -20.55 4.71
N LEU A 9 14.15 -20.72 5.40
CA LEU A 9 14.17 -21.24 6.76
C LEU A 9 14.86 -20.24 7.67
N VAL A 10 14.23 -19.92 8.79
CA VAL A 10 14.78 -18.98 9.76
C VAL A 10 14.61 -19.58 11.15
N LYS A 11 15.68 -19.55 11.94
CA LYS A 11 15.59 -20.01 13.31
C LYS A 11 14.81 -19.02 14.16
N PRO A 12 14.10 -19.50 15.18
CA PRO A 12 13.38 -18.58 16.07
C PRO A 12 14.33 -17.65 16.79
N SER A 13 13.82 -16.45 17.09
CA SER A 13 14.60 -15.38 17.73
C SER A 13 15.80 -14.97 16.88
N GLU A 14 15.66 -15.03 15.57
CA GLU A 14 16.69 -14.55 14.65
C GLU A 14 16.08 -13.57 13.66
N ILE A 15 16.83 -13.20 12.63
CA ILE A 15 16.45 -12.12 11.72
C ILE A 15 16.03 -12.72 10.38
N LEU A 16 14.82 -12.39 9.96
CA LEU A 16 14.32 -12.71 8.62
C LEU A 16 14.70 -11.58 7.69
N SER A 17 15.34 -11.92 6.57
CA SER A 17 15.79 -10.93 5.60
C SER A 17 15.31 -11.33 4.21
N LEU A 18 14.64 -10.40 3.53
CA LEU A 18 14.14 -10.63 2.18
C LEU A 18 14.50 -9.45 1.29
N THR A 19 14.66 -9.71 0.00
CA THR A 19 14.98 -8.67 -0.97
C THR A 19 14.12 -8.84 -2.20
N CYS A 20 13.51 -7.76 -2.68
CA CYS A 20 12.73 -7.76 -3.90
C CYS A 20 13.46 -6.98 -4.97
N SER A 21 13.62 -7.61 -6.12
CA SER A 21 14.24 -7.03 -7.31
C SER A 21 13.16 -6.66 -8.31
N VAL A 22 13.26 -5.45 -8.85
CA VAL A 22 12.27 -4.87 -9.76
C VAL A 22 12.88 -4.80 -11.15
N SER A 23 12.14 -5.29 -12.15
CA SER A 23 12.58 -5.25 -13.53
C SER A 23 11.50 -4.61 -14.38
N GLY A 24 11.91 -4.04 -15.51
CA GLY A 24 11.00 -3.35 -16.40
C GLY A 24 10.65 -1.95 -15.97
N GLY A 25 11.30 -1.43 -14.93
CA GLY A 25 11.02 -0.10 -14.44
C GLY A 25 12.03 0.26 -13.38
N SER A 26 11.94 1.50 -12.92
CA SER A 26 12.89 2.03 -11.94
C SER A 26 12.18 2.35 -10.64
N ILE A 27 12.81 1.95 -9.53
CA ILE A 27 12.31 2.34 -8.21
C ILE A 27 12.33 3.85 -8.06
N ASN A 28 13.28 4.53 -8.71
CA ASN A 28 13.44 5.96 -8.55
C ASN A 28 12.30 6.70 -9.24
N THR A 29 11.11 6.60 -8.67
CA THR A 29 9.92 7.29 -9.15
C THR A 29 9.09 7.75 -7.97
N ASN A 30 8.46 8.92 -8.12
CA ASN A 30 7.65 9.48 -7.05
C ASN A 30 6.23 8.93 -7.04
N MET A 31 5.85 8.15 -8.04
CA MET A 31 4.46 7.71 -8.20
C MET A 31 4.16 6.42 -7.47
N TYR A 32 5.16 5.72 -6.95
CA TYR A 32 4.96 4.40 -6.38
C TYR A 32 5.65 4.27 -5.03
N TYR A 33 5.02 3.51 -4.15
CA TYR A 33 5.65 2.94 -2.96
C TYR A 33 6.00 1.49 -3.24
N TRP A 34 6.80 0.90 -2.36
CA TRP A 34 7.23 -0.49 -2.49
C TRP A 34 7.02 -1.17 -1.15
N GLY A 35 6.18 -2.20 -1.12
CA GLY A 35 5.70 -2.76 0.12
C GLY A 35 5.84 -4.27 0.20
N TRP A 36 5.58 -4.78 1.40
CA TRP A 36 5.60 -6.20 1.70
C TRP A 36 4.27 -6.61 2.30
N ILE A 37 3.75 -7.75 1.87
CA ILE A 37 2.49 -8.28 2.39
C ILE A 37 2.67 -9.77 2.65
N ARG A 38 2.29 -10.23 3.84
CA ARG A 38 2.44 -11.63 4.18
C ARG A 38 1.08 -12.28 4.38
N GLN A 39 1.04 -13.58 4.13
CA GLN A 39 -0.15 -14.41 4.27
C GLN A 39 0.22 -15.73 4.91
N PRO A 40 -0.29 -16.02 6.12
CA PRO A 40 -0.10 -17.36 6.68
C PRO A 40 -0.87 -18.38 5.86
N PRO A 41 -0.39 -19.62 5.81
CA PRO A 41 -1.09 -20.65 5.04
C PRO A 41 -2.51 -20.85 5.53
N GLY A 42 -3.48 -20.66 4.63
CA GLY A 42 -4.87 -20.78 4.97
C GLY A 42 -5.49 -19.56 5.62
N LYS A 43 -4.77 -18.44 5.69
CA LYS A 43 -5.29 -17.25 6.35
C LYS A 43 -5.25 -16.03 5.43
N GLY A 44 -5.52 -14.85 5.99
CA GLY A 44 -5.68 -13.65 5.20
C GLY A 44 -4.39 -12.88 5.01
N LEU A 45 -4.51 -11.75 4.30
CA LEU A 45 -3.38 -10.90 3.96
C LEU A 45 -3.13 -9.87 5.05
N GLU A 46 -1.86 -9.58 5.29
CA GLU A 46 -1.45 -8.57 6.27
C GLU A 46 -0.33 -7.74 5.67
N TRP A 47 -0.51 -6.42 5.67
CA TRP A 47 0.49 -5.52 5.14
C TRP A 47 1.55 -5.25 6.19
N ILE A 48 2.82 -5.48 5.85
CA ILE A 48 3.93 -5.34 6.77
C ILE A 48 4.40 -3.89 6.77
N GLY A 49 4.78 -3.39 5.60
CA GLY A 49 5.26 -2.03 5.51
C GLY A 49 5.38 -1.59 4.07
N SER A 50 5.63 -0.30 3.90
CA SER A 50 5.86 0.31 2.60
C SER A 50 7.04 1.25 2.70
N ILE A 51 7.81 1.35 1.61
CA ILE A 51 8.96 2.24 1.55
C ILE A 51 8.88 3.06 0.27
N TYR A 52 9.55 4.20 0.27
CA TYR A 52 9.53 5.19 -0.79
C TYR A 52 10.95 5.38 -1.31
N TYR A 53 11.05 5.98 -2.51
CA TYR A 53 12.37 6.13 -3.13
C TYR A 53 13.32 6.94 -2.26
N SER A 54 12.79 7.82 -1.43
CA SER A 54 13.61 8.68 -0.58
C SER A 54 13.88 8.08 0.79
N GLY A 55 13.36 6.89 1.07
CA GLY A 55 13.55 6.25 2.36
C GLY A 55 12.40 6.41 3.34
N THR A 56 11.38 7.17 2.99
CA THR A 56 10.21 7.31 3.85
C THR A 56 9.51 5.96 4.01
N THR A 57 9.19 5.60 5.24
CA THR A 57 8.66 4.28 5.55
C THR A 57 7.36 4.38 6.32
N TYR A 58 6.47 3.44 6.05
CA TYR A 58 5.28 3.19 6.85
C TYR A 58 5.32 1.75 7.32
N TYR A 59 5.01 1.51 8.58
CA TYR A 59 5.11 0.18 9.16
C TYR A 59 3.79 -0.21 9.80
N ASN A 60 3.54 -1.51 9.82
CA ASN A 60 2.40 -2.04 10.55
C ASN A 60 2.60 -1.80 12.05
N PRO A 61 1.64 -1.17 12.74
CA PRO A 61 1.84 -0.89 14.17
C PRO A 61 2.08 -2.13 15.01
N SER A 62 1.58 -3.29 14.59
CA SER A 62 1.79 -4.52 15.34
C SER A 62 3.20 -5.09 15.14
N LEU A 63 3.98 -4.55 14.21
CA LEU A 63 5.33 -5.03 13.96
C LEU A 63 6.35 -3.90 13.96
N LYS A 64 5.94 -2.67 14.28
CA LYS A 64 6.81 -1.51 14.09
C LYS A 64 8.11 -1.63 14.87
N SER A 65 8.10 -2.33 16.00
CA SER A 65 9.31 -2.48 16.80
C SER A 65 10.25 -3.54 16.25
N ARG A 66 9.83 -4.32 15.26
CA ARG A 66 10.64 -5.41 14.74
C ARG A 66 10.91 -5.31 13.25
N VAL A 67 10.28 -4.39 12.53
CA VAL A 67 10.33 -4.33 11.08
C VAL A 67 11.23 -3.18 10.66
N THR A 68 12.06 -3.42 9.64
CA THR A 68 12.92 -2.40 9.07
C THR A 68 13.04 -2.63 7.58
N MET A 69 12.70 -1.63 6.78
CA MET A 69 12.76 -1.74 5.33
C MET A 69 13.77 -0.74 4.77
N SER A 70 14.49 -1.17 3.75
CA SER A 70 15.50 -0.36 3.09
C SER A 70 15.28 -0.37 1.59
N VAL A 71 15.79 0.65 0.91
CA VAL A 71 15.64 0.80 -0.53
C VAL A 71 17.02 1.07 -1.15
N ASP A 72 17.28 0.43 -2.29
CA ASP A 72 18.50 0.63 -3.06
C ASP A 72 18.06 0.97 -4.49
N THR A 73 18.13 2.26 -4.82
CA THR A 73 17.66 2.73 -6.11
C THR A 73 18.64 2.42 -7.23
N SER A 74 19.94 2.37 -6.93
CA SER A 74 20.92 2.06 -7.96
C SER A 74 20.73 0.65 -8.51
N GLU A 75 20.40 -0.30 -7.64
CA GLU A 75 20.25 -1.69 -8.04
C GLU A 75 18.79 -2.10 -8.22
N ASN A 76 17.85 -1.17 -8.08
CA ASN A 76 16.42 -1.46 -8.19
C ASN A 76 15.99 -2.60 -7.26
N GLN A 77 16.28 -2.43 -5.98
CA GLN A 77 15.91 -3.43 -4.99
C GLN A 77 15.34 -2.76 -3.75
N PHE A 78 14.52 -3.51 -3.02
CA PHE A 78 14.12 -3.07 -1.69
C PHE A 78 14.00 -4.26 -0.78
N SER A 79 14.45 -4.09 0.47
CA SER A 79 14.66 -5.20 1.38
C SER A 79 13.89 -5.00 2.67
N LEU A 80 13.59 -6.13 3.31
CA LEU A 80 12.83 -6.22 4.55
C LEU A 80 13.59 -7.03 5.58
N LYS A 81 13.60 -6.55 6.82
CA LYS A 81 14.21 -7.25 7.95
C LYS A 81 13.22 -7.31 9.09
N LEU A 82 13.07 -8.49 9.67
CA LEU A 82 12.12 -8.75 10.75
C LEU A 82 12.86 -9.50 11.85
N THR A 83 12.96 -8.88 13.03
CA THR A 83 13.76 -9.42 14.11
C THR A 83 12.88 -10.11 15.15
N SER A 84 13.51 -10.99 15.93
CA SER A 84 12.86 -11.73 17.01
C SER A 84 11.65 -12.52 16.49
N VAL A 85 11.90 -13.34 15.49
CA VAL A 85 10.82 -14.05 14.81
C VAL A 85 10.40 -15.25 15.64
N THR A 86 9.12 -15.62 15.49
CA THR A 86 8.56 -16.83 16.08
C THR A 86 7.78 -17.56 14.99
N ALA A 87 7.10 -18.64 15.37
CA ALA A 87 6.33 -19.43 14.41
C ALA A 87 5.22 -18.61 13.78
N ALA A 88 4.72 -17.59 14.49
CA ALA A 88 3.69 -16.72 13.94
C ALA A 88 4.17 -15.96 12.71
N ASP A 89 5.48 -15.92 12.47
CA ASP A 89 6.04 -15.27 11.30
C ASP A 89 6.23 -16.23 10.13
N THR A 90 5.82 -17.48 10.27
CA THR A 90 5.88 -18.44 9.17
C THR A 90 4.73 -18.13 8.21
N SER A 91 5.06 -17.73 6.98
CA SER A 91 4.03 -17.32 6.03
C SER A 91 4.66 -17.12 4.66
N VAL A 92 3.81 -16.78 3.69
CA VAL A 92 4.25 -16.42 2.35
C VAL A 92 4.36 -14.90 2.28
N TYR A 93 5.48 -14.42 1.78
CA TYR A 93 5.76 -12.99 1.70
C TYR A 93 5.77 -12.57 0.23
N PHE A 94 4.97 -11.56 -0.09
CA PHE A 94 4.93 -10.95 -1.41
C PHE A 94 5.55 -9.56 -1.32
N CYS A 95 6.36 -9.22 -2.31
CA CYS A 95 6.78 -7.84 -2.52
C CYS A 95 5.88 -7.25 -3.60
N ALA A 96 5.35 -6.07 -3.34
CA ALA A 96 4.35 -5.46 -4.22
C ALA A 96 4.71 -4.02 -4.49
N ARG A 97 4.23 -3.51 -5.62
CA ARG A 97 4.35 -2.09 -5.92
C ARG A 97 3.01 -1.40 -5.71
N LEU A 98 3.05 -0.21 -5.13
CA LEU A 98 1.87 0.49 -4.62
C LEU A 98 1.70 1.81 -5.35
N PRO A 99 0.83 1.88 -6.36
CA PRO A 99 0.54 3.18 -6.99
C PRO A 99 -0.02 4.17 -5.98
N LEU A 100 0.72 5.26 -5.77
CA LEU A 100 0.41 6.32 -4.82
C LEU A 100 0.40 5.84 -3.37
N GLY A 101 0.94 4.65 -3.11
CA GLY A 101 1.05 4.16 -1.74
C GLY A 101 -0.26 3.78 -1.10
N GLU A 102 -1.32 3.58 -1.86
CA GLU A 102 -2.65 3.31 -1.30
C GLU A 102 -3.29 2.03 -1.81
N ARG A 103 -2.78 1.43 -2.88
CA ARG A 103 -3.33 0.19 -3.42
C ARG A 103 -2.16 -0.64 -3.96
N ILE A 104 -2.46 -1.81 -4.52
CA ILE A 104 -1.46 -2.66 -5.13
C ILE A 104 -1.88 -2.97 -6.55
N ASP A 105 -0.98 -2.75 -7.51
CA ASP A 105 -1.22 -3.13 -8.89
C ASP A 105 -0.45 -4.37 -9.31
N TYR A 106 0.84 -4.47 -8.97
CA TYR A 106 1.64 -5.65 -9.25
C TYR A 106 2.11 -6.27 -7.95
N TRP A 107 1.90 -7.58 -7.84
CA TRP A 107 2.35 -8.39 -6.73
C TRP A 107 3.56 -9.22 -7.15
N GLY A 108 4.31 -9.68 -6.16
CA GLY A 108 5.32 -10.69 -6.42
C GLY A 108 4.72 -12.09 -6.44
N ARG A 109 5.57 -13.05 -6.80
CA ARG A 109 5.12 -14.44 -6.82
C ARG A 109 4.91 -14.98 -5.40
N GLY A 110 5.69 -14.50 -4.44
CA GLY A 110 5.56 -14.95 -3.07
C GLY A 110 6.58 -16.00 -2.70
N THR A 111 7.26 -15.82 -1.58
CA THR A 111 8.23 -16.78 -1.08
C THR A 111 7.81 -17.23 0.32
N LEU A 112 7.89 -18.52 0.58
CA LEU A 112 7.44 -19.07 1.85
C LEU A 112 8.61 -19.13 2.83
N VAL A 113 8.40 -18.58 4.02
CA VAL A 113 9.40 -18.59 5.08
C VAL A 113 8.84 -19.34 6.27
N THR A 114 9.60 -20.31 6.77
CA THR A 114 9.26 -21.11 7.92
C THR A 114 10.21 -20.80 9.06
N VAL A 115 9.65 -20.49 10.22
CA VAL A 115 10.43 -20.21 11.42
C VAL A 115 10.41 -21.47 12.27
N SER A 116 11.53 -22.19 12.30
CA SER A 116 11.63 -23.41 13.08
C SER A 116 13.07 -23.65 13.47
N SER A 117 13.26 -24.43 14.52
CA SER A 117 14.58 -24.84 14.98
C SER A 117 15.08 -26.08 14.27
N ALA A 118 14.27 -26.68 13.41
CA ALA A 118 14.66 -27.89 12.70
C ALA A 118 15.67 -27.57 11.61
N SER A 119 16.43 -28.59 11.23
CA SER A 119 17.52 -28.43 10.28
C SER A 119 17.04 -28.71 8.86
N THR A 120 17.71 -28.07 7.90
CA THR A 120 17.39 -28.29 6.50
C THR A 120 17.82 -29.69 6.07
N LYS A 121 16.91 -30.41 5.42
CA LYS A 121 17.21 -31.72 4.87
C LYS A 121 16.78 -31.77 3.42
N GLY A 122 17.67 -32.25 2.56
CA GLY A 122 17.36 -32.41 1.16
C GLY A 122 16.49 -33.63 0.91
N PRO A 123 15.87 -33.69 -0.25
CA PRO A 123 14.98 -34.80 -0.56
C PRO A 123 15.75 -36.03 -1.01
N SER A 124 15.02 -37.15 -1.09
CA SER A 124 15.53 -38.42 -1.60
C SER A 124 14.62 -38.81 -2.76
N VAL A 125 14.96 -38.33 -3.95
CA VAL A 125 14.09 -38.52 -5.12
C VAL A 125 14.17 -39.97 -5.58
N PHE A 126 13.01 -40.57 -5.82
CA PHE A 126 12.90 -41.93 -6.31
C PHE A 126 12.03 -41.96 -7.56
N PRO A 127 12.31 -42.86 -8.50
CA PRO A 127 11.46 -42.97 -9.69
C PRO A 127 10.26 -43.85 -9.41
N LEU A 128 9.07 -43.28 -9.49
CA LEU A 128 7.84 -43.96 -9.08
C LEU A 128 7.33 -44.82 -10.24
N ALA A 129 7.81 -46.08 -10.28
CA ALA A 129 7.33 -47.13 -11.17
C ALA A 129 7.12 -46.62 -12.59
N PRO A 130 8.20 -46.42 -13.35
CA PRO A 130 8.08 -45.79 -14.67
C PRO A 130 7.01 -46.42 -15.55
N SER A 131 5.95 -45.67 -15.82
CA SER A 131 4.88 -46.07 -16.74
C SER A 131 4.22 -47.38 -16.32
N SER A 132 4.28 -47.69 -15.02
CA SER A 132 3.68 -48.90 -14.47
C SER A 132 4.15 -50.15 -15.19
N THR A 139 -3.34 -44.42 -21.97
CA THR A 139 -2.26 -43.62 -21.42
C THR A 139 -1.66 -44.27 -20.18
N ALA A 140 -0.43 -43.89 -19.85
CA ALA A 140 0.29 -44.42 -18.70
C ALA A 140 0.73 -43.27 -17.81
N ALA A 141 0.68 -43.49 -16.51
CA ALA A 141 1.05 -42.49 -15.52
C ALA A 141 2.42 -42.82 -14.94
N LEU A 142 3.32 -41.85 -14.96
CA LEU A 142 4.66 -42.00 -14.40
C LEU A 142 5.01 -40.75 -13.62
N GLY A 143 5.90 -40.90 -12.66
CA GLY A 143 6.31 -39.77 -11.84
C GLY A 143 7.46 -40.14 -10.95
N CYS A 144 7.87 -39.17 -10.13
CA CYS A 144 8.93 -39.38 -9.14
C CYS A 144 8.47 -38.93 -7.77
N LEU A 145 8.81 -39.74 -6.78
CA LEU A 145 8.49 -39.46 -5.38
C LEU A 145 9.59 -38.62 -4.76
N VAL A 146 9.21 -37.50 -4.16
CA VAL A 146 10.14 -36.61 -3.49
C VAL A 146 9.99 -36.87 -1.99
N LYS A 147 10.92 -37.63 -1.43
CA LYS A 147 10.80 -38.10 -0.05
C LYS A 147 11.30 -37.06 0.94
N ASP A 148 11.54 -37.48 2.17
CA ASP A 148 11.69 -36.63 3.35
C ASP A 148 12.58 -35.43 3.10
N TYR A 149 11.99 -34.24 3.18
CA TYR A 149 12.74 -33.00 3.02
C TYR A 149 12.19 -31.94 3.96
N PHE A 150 13.01 -30.93 4.25
CA PHE A 150 12.61 -29.81 5.08
C PHE A 150 13.53 -28.65 4.79
N PRO A 151 13.01 -27.43 4.63
CA PRO A 151 11.59 -27.05 4.64
C PRO A 151 10.96 -27.01 3.25
N GLU A 152 9.67 -26.78 3.21
CA GLU A 152 8.88 -26.57 2.01
C GLU A 152 9.30 -25.24 1.37
N PRO A 153 9.24 -25.12 0.03
CA PRO A 153 8.78 -26.05 -0.99
C PRO A 153 9.87 -26.70 -1.85
N VAL A 154 9.46 -27.70 -2.61
CA VAL A 154 10.30 -28.34 -3.62
C VAL A 154 9.62 -28.17 -4.96
N THR A 155 10.38 -27.67 -5.95
CA THR A 155 9.84 -27.47 -7.29
C THR A 155 10.20 -28.67 -8.16
N VAL A 156 9.19 -29.25 -8.78
CA VAL A 156 9.37 -30.41 -9.65
C VAL A 156 8.92 -30.05 -11.06
N SER A 157 9.81 -30.22 -12.02
CA SER A 157 9.52 -30.01 -13.43
C SER A 157 9.82 -31.30 -14.18
N TRP A 158 9.38 -31.35 -15.45
CA TRP A 158 9.58 -32.53 -16.27
C TRP A 158 10.22 -32.12 -17.60
N ASN A 159 11.37 -32.72 -17.90
CA ASN A 159 12.13 -32.44 -19.12
C ASN A 159 12.38 -30.94 -19.27
N SER A 160 13.14 -30.41 -18.32
CA SER A 160 13.40 -28.97 -18.22
C SER A 160 12.09 -28.21 -18.10
N GLY A 161 11.57 -27.71 -19.22
CA GLY A 161 10.30 -27.02 -19.21
C GLY A 161 9.45 -27.37 -20.41
N ALA A 162 9.80 -28.46 -21.10
CA ALA A 162 9.09 -28.88 -22.30
C ALA A 162 7.81 -29.64 -21.98
N LEU A 163 7.94 -30.73 -21.22
CA LEU A 163 6.79 -31.57 -20.88
C LEU A 163 6.00 -30.90 -19.77
N THR A 164 5.00 -30.12 -20.16
CA THR A 164 4.12 -29.44 -19.22
C THR A 164 2.67 -29.56 -19.69
N SER A 165 2.27 -30.76 -20.12
CA SER A 165 0.93 -30.98 -20.65
C SER A 165 0.04 -31.74 -19.66
N GLY A 166 0.49 -32.91 -19.20
CA GLY A 166 -0.28 -33.70 -18.27
C GLY A 166 0.35 -33.75 -16.89
N VAL A 167 1.18 -32.77 -16.57
CA VAL A 167 1.92 -32.75 -15.31
C VAL A 167 0.98 -32.34 -14.18
N HIS A 168 1.05 -33.07 -13.07
CA HIS A 168 0.32 -32.73 -11.85
C HIS A 168 1.25 -32.97 -10.69
N THR A 169 1.60 -31.91 -9.97
CA THR A 169 2.45 -32.00 -8.79
C THR A 169 1.58 -31.86 -7.55
N PHE A 170 1.48 -32.95 -6.79
CA PHE A 170 0.56 -33.01 -5.66
C PHE A 170 1.14 -32.28 -4.45
N PRO A 171 0.27 -31.76 -3.59
CA PRO A 171 0.77 -31.06 -2.40
C PRO A 171 1.52 -31.98 -1.46
N ALA A 172 2.46 -31.41 -0.71
CA ALA A 172 3.31 -32.18 0.16
C ALA A 172 2.56 -32.65 1.40
N VAL A 173 2.91 -33.84 1.87
CA VAL A 173 2.39 -34.39 3.10
C VAL A 173 3.41 -34.13 4.21
N LEU A 174 2.93 -33.65 5.35
CA LEU A 174 3.74 -33.47 6.54
C LEU A 174 3.62 -34.73 7.39
N GLN A 175 4.73 -35.41 7.59
CA GLN A 175 4.73 -36.67 8.30
C GLN A 175 4.99 -36.44 9.78
N SER A 176 4.83 -37.51 10.57
CA SER A 176 5.05 -37.44 12.01
C SER A 176 6.51 -37.19 12.35
N SER A 177 7.42 -37.34 11.39
CA SER A 177 8.83 -37.05 11.60
C SER A 177 9.16 -35.57 11.42
N GLY A 178 8.17 -34.74 11.11
CA GLY A 178 8.41 -33.34 10.85
C GLY A 178 8.95 -33.04 9.48
N LEU A 179 8.96 -34.02 8.58
CA LEU A 179 9.50 -33.87 7.24
C LEU A 179 8.39 -34.03 6.20
N TYR A 180 8.56 -33.35 5.08
CA TYR A 180 7.60 -33.34 3.99
C TYR A 180 7.95 -34.37 2.94
N SER A 181 6.93 -34.94 2.33
CA SER A 181 7.06 -35.79 1.15
C SER A 181 6.19 -35.24 0.03
N LEU A 182 6.62 -35.46 -1.21
CA LEU A 182 5.95 -34.88 -2.37
C LEU A 182 5.96 -35.89 -3.50
N SER A 183 5.01 -35.73 -4.42
CA SER A 183 4.89 -36.60 -5.58
C SER A 183 4.44 -35.81 -6.78
N SER A 184 4.91 -36.22 -7.97
CA SER A 184 4.51 -35.63 -9.24
C SER A 184 4.17 -36.75 -10.20
N VAL A 185 3.21 -36.49 -11.09
CA VAL A 185 2.75 -37.49 -12.05
C VAL A 185 2.54 -36.83 -13.41
N VAL A 186 2.99 -37.51 -14.47
CA VAL A 186 2.72 -37.09 -15.84
C VAL A 186 1.94 -38.20 -16.52
N THR A 187 0.85 -37.83 -17.17
CA THR A 187 0.06 -38.75 -17.98
C THR A 187 0.49 -38.60 -19.43
N VAL A 188 1.05 -39.66 -20.00
CA VAL A 188 1.60 -39.63 -21.35
C VAL A 188 0.96 -40.74 -22.18
N PRO A 189 0.87 -40.59 -23.50
CA PRO A 189 0.31 -41.67 -24.32
C PRO A 189 1.19 -42.90 -24.29
N SER A 190 0.55 -44.06 -24.10
CA SER A 190 1.29 -45.32 -23.97
C SER A 190 1.99 -45.71 -25.27
N SER A 191 1.69 -45.04 -26.38
CA SER A 191 2.45 -45.26 -27.61
C SER A 191 3.89 -44.77 -27.50
N SER A 192 4.22 -44.02 -26.44
CA SER A 192 5.59 -43.54 -26.26
C SER A 192 6.21 -44.12 -25.00
N LEU A 193 6.01 -45.42 -24.78
CA LEU A 193 6.54 -46.06 -23.57
C LEU A 193 8.06 -46.04 -23.56
N GLY A 194 8.70 -46.37 -24.68
CA GLY A 194 10.13 -46.52 -24.70
C GLY A 194 10.85 -45.52 -25.59
N THR A 195 10.17 -45.00 -26.60
CA THR A 195 10.78 -44.05 -27.52
C THR A 195 10.60 -42.61 -27.06
N GLN A 196 10.96 -42.34 -25.81
CA GLN A 196 10.89 -41.00 -25.24
C GLN A 196 11.63 -40.93 -23.92
N THR A 197 12.46 -39.89 -23.75
CA THR A 197 13.20 -39.69 -22.51
C THR A 197 12.32 -38.92 -21.53
N TYR A 198 12.11 -39.49 -20.36
CA TYR A 198 11.28 -38.89 -19.31
C TYR A 198 12.12 -38.78 -18.04
N ILE A 199 12.65 -37.59 -17.78
CA ILE A 199 13.37 -37.31 -16.55
C ILE A 199 12.67 -36.18 -15.82
N CYS A 200 12.68 -36.24 -14.49
CA CYS A 200 12.08 -35.22 -13.66
C CYS A 200 13.16 -34.46 -12.91
N ASN A 201 12.98 -33.14 -12.81
CA ASN A 201 13.94 -32.24 -12.19
C ASN A 201 13.36 -31.77 -10.87
N VAL A 202 14.06 -32.09 -9.78
CA VAL A 202 13.66 -31.74 -8.43
C VAL A 202 14.64 -30.69 -7.92
N ASN A 203 14.12 -29.52 -7.54
CA ASN A 203 14.93 -28.43 -7.03
C ASN A 203 14.45 -28.07 -5.63
N HIS A 204 15.39 -28.07 -4.69
CA HIS A 204 15.14 -27.69 -3.30
C HIS A 204 16.13 -26.59 -2.95
N LYS A 205 15.63 -25.36 -2.89
CA LYS A 205 16.49 -24.21 -2.62
C LYS A 205 17.16 -24.24 -1.26
N PRO A 206 16.44 -24.49 -0.14
CA PRO A 206 17.12 -24.44 1.17
C PRO A 206 18.28 -25.41 1.30
N SER A 207 18.16 -26.60 0.73
CA SER A 207 19.21 -27.60 0.80
C SER A 207 20.20 -27.50 -0.36
N ASN A 208 19.95 -26.61 -1.32
CA ASN A 208 20.77 -26.49 -2.52
C ASN A 208 20.86 -27.84 -3.24
N THR A 209 19.70 -28.40 -3.56
CA THR A 209 19.59 -29.71 -4.16
C THR A 209 18.98 -29.60 -5.55
N LYS A 210 19.65 -30.20 -6.54
CA LYS A 210 19.14 -30.27 -7.91
C LYS A 210 19.34 -31.70 -8.39
N VAL A 211 18.24 -32.39 -8.69
CA VAL A 211 18.28 -33.80 -9.05
C VAL A 211 17.56 -33.99 -10.38
N ASP A 212 18.22 -34.67 -11.32
CA ASP A 212 17.60 -35.10 -12.56
C ASP A 212 17.47 -36.61 -12.50
N LYS A 213 16.23 -37.10 -12.42
CA LYS A 213 15.97 -38.51 -12.19
C LYS A 213 15.29 -39.12 -13.40
N ARG A 214 15.84 -40.23 -13.88
CA ARG A 214 15.28 -40.96 -15.02
C ARG A 214 14.08 -41.79 -14.56
N VAL A 215 13.00 -41.73 -15.33
CA VAL A 215 11.79 -42.50 -15.01
C VAL A 215 11.31 -43.25 -16.24
N SER B 1 -12.45 3.75 8.29
CA SER B 1 -11.30 2.87 8.07
C SER B 1 -10.77 2.33 9.41
N SER B 2 -9.52 1.87 9.38
CA SER B 2 -8.77 1.29 10.50
C SER B 2 -9.32 -0.06 10.95
N ASP B 3 -10.44 -0.51 10.40
CA ASP B 3 -11.02 -1.82 10.74
C ASP B 3 -11.97 -2.21 9.63
N LEU B 4 -11.65 -3.28 8.92
CA LEU B 4 -12.50 -3.78 7.84
C LEU B 4 -13.08 -5.13 8.26
N THR B 5 -14.39 -5.28 8.12
CA THR B 5 -15.09 -6.49 8.50
C THR B 5 -15.72 -7.12 7.27
N GLN B 6 -15.48 -8.41 7.09
CA GLN B 6 -15.98 -9.15 5.94
C GLN B 6 -16.62 -10.45 6.39
N PRO B 7 -17.73 -10.85 5.77
CA PRO B 7 -18.24 -12.21 5.99
C PRO B 7 -17.21 -13.24 5.60
N PRO B 8 -17.06 -14.31 6.38
CA PRO B 8 -16.04 -15.32 6.05
C PRO B 8 -16.39 -16.19 4.86
N SER B 9 -17.66 -16.30 4.47
CA SER B 9 -18.03 -17.17 3.37
C SER B 9 -19.33 -16.69 2.74
N VAL B 10 -19.38 -16.73 1.41
CA VAL B 10 -20.58 -16.40 0.65
C VAL B 10 -20.79 -17.49 -0.40
N SER B 11 -21.98 -18.08 -0.41
CA SER B 11 -22.31 -19.18 -1.30
C SER B 11 -23.40 -18.74 -2.27
N VAL B 12 -23.20 -19.01 -3.55
CA VAL B 12 -24.11 -18.55 -4.60
C VAL B 12 -24.27 -19.66 -5.64
N SER B 13 -25.47 -19.75 -6.21
CA SER B 13 -25.73 -20.68 -7.30
C SER B 13 -25.22 -20.10 -8.62
N PRO B 14 -24.84 -20.96 -9.57
CA PRO B 14 -24.31 -20.45 -10.84
C PRO B 14 -25.33 -19.59 -11.57
N GLY B 15 -24.85 -18.52 -12.20
CA GLY B 15 -25.71 -17.60 -12.90
C GLY B 15 -26.37 -16.55 -12.04
N GLN B 16 -26.31 -16.69 -10.72
CA GLN B 16 -26.91 -15.72 -9.81
C GLN B 16 -25.92 -14.58 -9.55
N THR B 17 -26.27 -13.70 -8.62
CA THR B 17 -25.45 -12.54 -8.31
C THR B 17 -24.92 -12.65 -6.88
N ALA B 18 -23.60 -12.55 -6.75
CA ALA B 18 -22.92 -12.68 -5.47
C ALA B 18 -22.52 -11.31 -4.95
N SER B 19 -22.83 -11.03 -3.70
CA SER B 19 -22.53 -9.75 -3.07
C SER B 19 -21.61 -9.99 -1.88
N ILE B 20 -20.40 -9.40 -1.94
CA ILE B 20 -19.43 -9.48 -0.85
C ILE B 20 -19.35 -8.10 -0.20
N THR B 21 -19.56 -8.06 1.11
CA THR B 21 -19.68 -6.82 1.85
C THR B 21 -18.43 -6.59 2.71
N CYS B 22 -17.97 -5.35 2.73
CA CYS B 22 -16.91 -4.88 3.62
C CYS B 22 -17.47 -3.75 4.47
N SER B 23 -17.27 -3.82 5.78
CA SER B 23 -17.84 -2.86 6.70
C SER B 23 -16.72 -2.15 7.47
N GLY B 24 -16.88 -0.85 7.65
CA GLY B 24 -15.92 -0.07 8.40
C GLY B 24 -16.47 1.31 8.66
N ASN B 25 -15.86 1.99 9.62
CA ASN B 25 -16.32 3.31 10.02
C ASN B 25 -15.99 4.33 8.94
N LYS B 26 -17.04 4.89 8.33
CA LYS B 26 -16.92 5.95 7.32
C LYS B 26 -16.13 5.50 6.10
N LEU B 27 -16.38 4.26 5.67
CA LEU B 27 -15.77 3.77 4.43
C LEU B 27 -16.10 4.66 3.26
N GLY B 28 -17.29 5.26 3.27
CA GLY B 28 -17.68 6.15 2.18
C GLY B 28 -16.78 7.36 2.02
N ASP B 29 -15.95 7.66 3.02
CA ASP B 29 -15.02 8.76 2.92
C ASP B 29 -13.66 8.37 2.35
N THR B 30 -13.50 7.11 1.95
CA THR B 30 -12.20 6.64 1.46
C THR B 30 -12.41 5.61 0.35
N TYR B 31 -11.39 5.48 -0.49
CA TYR B 31 -11.39 4.48 -1.55
C TYR B 31 -11.25 3.08 -0.98
N VAL B 32 -11.92 2.12 -1.61
CA VAL B 32 -11.85 0.71 -1.25
C VAL B 32 -11.44 -0.08 -2.49
N PHE B 33 -10.50 -1.00 -2.32
CA PHE B 33 -9.94 -1.78 -3.42
C PHE B 33 -10.21 -3.26 -3.17
N TRP B 34 -10.57 -3.98 -4.22
CA TRP B 34 -10.96 -5.38 -4.11
C TRP B 34 -9.95 -6.27 -4.82
N TYR B 35 -9.51 -7.32 -4.12
CA TYR B 35 -8.53 -8.26 -4.64
C TYR B 35 -9.13 -9.65 -4.66
N GLN B 36 -8.85 -10.39 -5.73
CA GLN B 36 -9.28 -11.77 -5.91
C GLN B 36 -8.06 -12.67 -5.93
N GLN B 37 -8.07 -13.70 -5.09
CA GLN B 37 -6.95 -14.62 -4.97
C GLN B 37 -7.47 -16.04 -5.14
N LYS B 38 -7.04 -16.71 -6.19
CA LYS B 38 -7.30 -18.11 -6.47
C LYS B 38 -6.25 -18.97 -5.78
N PRO B 39 -6.57 -20.24 -5.50
CA PRO B 39 -5.64 -21.05 -4.70
C PRO B 39 -4.33 -21.30 -5.42
N GLY B 40 -3.23 -21.04 -4.72
CA GLY B 40 -1.90 -21.23 -5.26
C GLY B 40 -1.35 -20.06 -6.05
N GLN B 41 -2.12 -18.98 -6.20
CA GLN B 41 -1.68 -17.80 -6.95
C GLN B 41 -1.59 -16.60 -6.03
N SER B 42 -1.28 -15.49 -6.62
CA SER B 42 -1.13 -14.16 -6.06
C SER B 42 -2.36 -13.33 -6.37
N PRO B 43 -2.74 -12.40 -5.48
CA PRO B 43 -3.98 -11.66 -5.69
C PRO B 43 -3.91 -10.75 -6.91
N VAL B 44 -5.07 -10.54 -7.52
CA VAL B 44 -5.23 -9.62 -8.65
C VAL B 44 -6.35 -8.65 -8.33
N ALA B 45 -6.14 -7.38 -8.63
CA ALA B 45 -7.16 -6.37 -8.35
C ALA B 45 -8.32 -6.52 -9.34
N VAL B 46 -9.54 -6.58 -8.81
CA VAL B 46 -10.73 -6.67 -9.65
C VAL B 46 -11.44 -5.32 -9.66
N ILE B 47 -11.32 -4.56 -8.59
CA ILE B 47 -11.93 -3.25 -8.47
C ILE B 47 -10.98 -2.30 -7.77
N ASN B 48 -10.84 -1.09 -8.32
CA ASN B 48 -10.11 -0.01 -7.69
C ASN B 48 -11.03 1.20 -7.55
N GLU B 49 -10.82 1.96 -6.48
CA GLU B 49 -11.51 3.24 -6.26
C GLU B 49 -13.03 3.06 -6.30
N ASP B 50 -13.49 1.95 -5.72
CA ASP B 50 -14.87 1.64 -5.38
C ASP B 50 -15.77 1.28 -6.55
N ASN B 51 -15.39 1.62 -7.79
CA ASN B 51 -16.23 1.24 -8.91
C ASN B 51 -15.48 1.04 -10.22
N LYS B 52 -14.15 1.04 -10.21
CA LYS B 52 -13.37 1.03 -11.44
C LYS B 52 -12.77 -0.34 -11.67
N ARG B 53 -12.98 -0.88 -12.88
CA ARG B 53 -12.43 -2.17 -13.26
C ARG B 53 -11.12 -1.97 -14.00
N PRO B 54 -10.04 -2.59 -13.56
CA PRO B 54 -8.80 -2.56 -14.35
C PRO B 54 -8.96 -3.37 -15.63
N SER B 55 -7.99 -3.21 -16.52
CA SER B 55 -8.02 -3.91 -17.79
C SER B 55 -7.91 -5.42 -17.58
N GLY B 56 -8.68 -6.17 -18.37
CA GLY B 56 -8.66 -7.62 -18.31
C GLY B 56 -9.67 -8.24 -17.37
N ILE B 57 -10.39 -7.43 -16.60
CA ILE B 57 -11.37 -7.95 -15.64
C ILE B 57 -12.72 -8.05 -16.34
N PRO B 58 -13.45 -9.15 -16.16
CA PRO B 58 -14.76 -9.28 -16.80
C PRO B 58 -15.72 -8.19 -16.35
N GLU B 59 -16.63 -7.84 -17.26
CA GLU B 59 -17.58 -6.75 -17.02
C GLU B 59 -18.60 -7.10 -15.95
N ARG B 60 -18.66 -8.35 -15.50
CA ARG B 60 -19.63 -8.74 -14.48
C ARG B 60 -19.23 -8.32 -13.08
N PHE B 61 -18.04 -7.73 -12.91
CA PHE B 61 -17.60 -7.24 -11.61
C PHE B 61 -17.98 -5.76 -11.49
N SER B 62 -18.68 -5.42 -10.40
CA SER B 62 -19.09 -4.05 -10.15
C SER B 62 -18.87 -3.74 -8.67
N GLY B 63 -18.74 -2.47 -8.36
CA GLY B 63 -18.47 -2.05 -7.00
C GLY B 63 -19.33 -0.88 -6.58
N SER B 64 -19.56 -0.79 -5.27
CA SER B 64 -20.27 0.33 -4.69
C SER B 64 -19.68 0.62 -3.32
N ASN B 65 -19.86 1.86 -2.86
CA ASN B 65 -19.37 2.26 -1.55
C ASN B 65 -20.23 3.39 -1.04
N SER B 66 -20.88 3.18 0.10
CA SER B 66 -21.77 4.19 0.68
C SER B 66 -21.81 4.00 2.18
N GLY B 67 -21.82 5.12 2.91
CA GLY B 67 -21.89 5.10 4.35
C GLY B 67 -20.76 4.33 4.99
N ASN B 68 -21.10 3.17 5.57
CA ASN B 68 -20.12 2.31 6.22
C ASN B 68 -19.98 0.96 5.51
N THR B 69 -20.42 0.88 4.25
CA THR B 69 -20.48 -0.39 3.56
C THR B 69 -19.96 -0.26 2.14
N ALA B 70 -19.05 -1.16 1.78
CA ALA B 70 -18.59 -1.31 0.40
C ALA B 70 -19.00 -2.68 -0.10
N THR B 71 -19.48 -2.74 -1.34
CA THR B 71 -20.04 -3.95 -1.90
C THR B 71 -19.32 -4.30 -3.20
N LEU B 72 -18.90 -5.55 -3.32
CA LEU B 72 -18.39 -6.12 -4.56
C LEU B 72 -19.45 -7.07 -5.10
N THR B 73 -19.95 -6.78 -6.29
CA THR B 73 -21.05 -7.52 -6.90
C THR B 73 -20.55 -8.25 -8.14
N ILE B 74 -20.81 -9.55 -8.19
CA ILE B 74 -20.51 -10.37 -9.35
C ILE B 74 -21.83 -10.85 -9.94
N SER B 75 -22.11 -10.46 -11.17
CA SER B 75 -23.36 -10.81 -11.84
C SER B 75 -23.12 -11.97 -12.78
N GLY B 76 -24.05 -12.93 -12.79
CA GLY B 76 -23.85 -14.13 -13.59
C GLY B 76 -22.64 -14.90 -13.12
N THR B 77 -22.57 -15.16 -11.81
CA THR B 77 -21.41 -15.79 -11.22
C THR B 77 -21.11 -17.12 -11.88
N GLN B 78 -19.84 -17.33 -12.20
CA GLN B 78 -19.37 -18.55 -12.84
C GLN B 78 -18.43 -19.30 -11.90
N THR B 79 -18.19 -20.57 -12.24
CA THR B 79 -17.31 -21.39 -11.41
C THR B 79 -15.93 -20.76 -11.27
N MET B 80 -15.42 -20.16 -12.34
CA MET B 80 -14.11 -19.54 -12.30
C MET B 80 -14.04 -18.38 -11.32
N ASP B 81 -15.19 -17.87 -10.87
CA ASP B 81 -15.20 -16.79 -9.88
C ASP B 81 -15.00 -17.29 -8.47
N GLU B 82 -14.87 -18.60 -8.27
CA GLU B 82 -14.65 -19.18 -6.94
C GLU B 82 -13.23 -18.84 -6.49
N ALA B 83 -13.11 -17.90 -5.57
CA ALA B 83 -11.80 -17.46 -5.06
C ALA B 83 -11.99 -16.81 -3.69
N ASP B 84 -10.96 -16.13 -3.22
CA ASP B 84 -11.00 -15.37 -1.98
C ASP B 84 -10.91 -13.89 -2.29
N TYR B 85 -11.86 -13.11 -1.77
CA TYR B 85 -11.97 -11.69 -2.08
C TYR B 85 -11.67 -10.87 -0.84
N TYR B 86 -10.78 -9.88 -1.00
CA TYR B 86 -10.33 -9.02 0.08
C TYR B 86 -10.65 -7.57 -0.25
N CYS B 87 -11.14 -6.84 0.74
CA CYS B 87 -11.29 -5.39 0.67
C CYS B 87 -10.10 -4.74 1.36
N GLN B 88 -9.59 -3.67 0.78
CA GLN B 88 -8.41 -3.00 1.28
C GLN B 88 -8.63 -1.49 1.25
N VAL B 89 -8.16 -0.82 2.30
CA VAL B 89 -8.29 0.62 2.47
C VAL B 89 -6.94 1.15 2.93
N TRP B 90 -6.66 2.41 2.65
CA TRP B 90 -5.51 3.10 3.21
C TRP B 90 -6.00 4.10 4.24
N ASP B 91 -5.66 3.88 5.51
CA ASP B 91 -5.92 4.84 6.56
C ASP B 91 -4.78 5.84 6.62
N SER B 92 -4.68 6.60 7.70
CA SER B 92 -3.73 7.71 7.76
C SER B 92 -2.31 7.25 7.46
N SER B 93 -1.84 6.20 8.13
CA SER B 93 -0.47 5.75 7.94
C SER B 93 -0.35 4.24 7.80
N GLN B 94 -1.44 3.53 7.54
CA GLN B 94 -1.40 2.09 7.45
C GLN B 94 -2.35 1.59 6.36
N MET B 95 -2.04 0.41 5.84
CA MET B 95 -2.92 -0.29 4.91
C MET B 95 -3.71 -1.34 5.69
N VAL B 96 -5.03 -1.32 5.52
CA VAL B 96 -5.93 -2.20 6.25
C VAL B 96 -6.58 -3.15 5.26
N PHE B 97 -6.53 -4.44 5.56
CA PHE B 97 -7.17 -5.47 4.77
C PHE B 97 -8.37 -6.03 5.53
N GLY B 98 -9.31 -6.58 4.78
CA GLY B 98 -10.39 -7.32 5.38
C GLY B 98 -9.95 -8.72 5.76
N GLY B 99 -10.84 -9.42 6.47
CA GLY B 99 -10.55 -10.80 6.82
C GLY B 99 -10.59 -11.76 5.64
N GLY B 100 -11.25 -11.37 4.56
CA GLY B 100 -11.36 -12.20 3.38
C GLY B 100 -12.67 -12.96 3.34
N THR B 101 -13.27 -13.02 2.15
CA THR B 101 -14.51 -13.75 1.94
C THR B 101 -14.26 -14.86 0.91
N LYS B 102 -14.61 -16.08 1.27
CA LYS B 102 -14.49 -17.21 0.35
C LYS B 102 -15.80 -17.37 -0.41
N LEU B 103 -15.72 -17.28 -1.73
CA LEU B 103 -16.89 -17.41 -2.59
C LEU B 103 -17.01 -18.86 -3.04
N THR B 104 -18.16 -19.45 -2.79
CA THR B 104 -18.46 -20.81 -3.23
C THR B 104 -19.58 -20.76 -4.26
N VAL B 105 -19.45 -21.57 -5.30
CA VAL B 105 -20.45 -21.69 -6.35
C VAL B 105 -21.11 -23.05 -6.22
N LEU B 106 -22.41 -23.06 -5.95
CA LEU B 106 -23.14 -24.31 -5.72
C LEU B 106 -23.42 -24.99 -7.06
N GLY B 107 -24.17 -26.09 -7.00
CA GLY B 107 -24.57 -26.78 -8.22
C GLY B 107 -23.44 -27.43 -8.99
N GLN B 108 -22.24 -27.51 -8.42
CA GLN B 108 -21.15 -28.16 -9.10
C GLN B 108 -21.44 -29.64 -9.25
N PRO B 109 -21.14 -30.24 -10.41
CA PRO B 109 -21.46 -31.65 -10.62
C PRO B 109 -20.59 -32.55 -9.75
N LYS B 110 -21.10 -33.75 -9.54
CA LYS B 110 -20.38 -34.75 -8.76
C LYS B 110 -19.29 -35.40 -9.59
N ALA B 111 -18.09 -35.49 -9.02
CA ALA B 111 -16.96 -36.13 -9.69
C ALA B 111 -16.42 -37.24 -8.80
N ALA B 112 -16.39 -38.45 -9.33
CA ALA B 112 -15.79 -39.56 -8.60
C ALA B 112 -14.27 -39.44 -8.65
N PRO B 113 -13.58 -39.82 -7.57
CA PRO B 113 -12.13 -39.63 -7.54
C PRO B 113 -11.42 -40.54 -8.53
N SER B 114 -10.33 -40.03 -9.08
CA SER B 114 -9.43 -40.83 -9.90
C SER B 114 -8.23 -41.24 -9.06
N VAL B 115 -7.98 -42.54 -8.97
CA VAL B 115 -6.98 -43.09 -8.06
C VAL B 115 -5.88 -43.75 -8.86
N THR B 116 -4.63 -43.46 -8.50
CA THR B 116 -3.46 -44.07 -9.09
C THR B 116 -2.56 -44.55 -7.96
N LEU B 117 -2.03 -45.75 -8.08
CA LEU B 117 -1.18 -46.34 -7.05
C LEU B 117 0.14 -46.75 -7.66
N PHE B 118 1.23 -46.51 -6.93
CA PHE B 118 2.56 -46.86 -7.36
C PHE B 118 3.22 -47.76 -6.34
N PRO B 119 3.90 -48.82 -6.76
CA PRO B 119 4.60 -49.68 -5.81
C PRO B 119 5.90 -49.05 -5.38
N PRO B 120 6.53 -49.56 -4.32
CA PRO B 120 7.88 -49.10 -3.98
C PRO B 120 8.83 -49.36 -5.14
N SER B 121 9.69 -48.37 -5.41
CA SER B 121 10.63 -48.48 -6.50
C SER B 121 11.79 -49.37 -6.14
N SER B 122 12.39 -50.00 -7.14
CA SER B 122 13.52 -50.88 -6.90
C SER B 122 14.69 -50.13 -6.28
N GLU B 123 14.81 -48.84 -6.57
CA GLU B 123 15.87 -48.05 -5.96
C GLU B 123 15.59 -47.81 -4.47
N GLU B 124 14.34 -47.57 -4.10
CA GLU B 124 14.01 -47.36 -2.71
C GLU B 124 14.16 -48.65 -1.90
N LEU B 125 13.88 -49.80 -2.51
CA LEU B 125 14.07 -51.07 -1.82
C LEU B 125 15.53 -51.35 -1.53
N GLN B 126 16.44 -50.86 -2.40
CA GLN B 126 17.86 -51.02 -2.14
C GLN B 126 18.32 -50.25 -0.92
N ALA B 127 17.56 -49.25 -0.48
CA ALA B 127 17.91 -48.43 0.67
C ALA B 127 17.19 -48.87 1.94
N ASN B 128 16.72 -50.12 1.98
CA ASN B 128 16.03 -50.68 3.15
C ASN B 128 14.80 -49.86 3.51
N LYS B 129 14.08 -49.39 2.50
CA LYS B 129 12.87 -48.60 2.70
C LYS B 129 11.84 -48.96 1.64
N ALA B 130 10.57 -48.72 1.96
CA ALA B 130 9.48 -48.96 1.03
C ALA B 130 8.38 -47.95 1.30
N THR B 131 7.79 -47.43 0.22
CA THR B 131 6.74 -46.42 0.33
C THR B 131 5.74 -46.62 -0.79
N LEU B 132 4.49 -46.88 -0.45
CA LEU B 132 3.41 -47.00 -1.42
C LEU B 132 2.69 -45.66 -1.53
N VAL B 133 2.53 -45.18 -2.76
CA VAL B 133 1.97 -43.86 -3.02
C VAL B 133 0.57 -44.01 -3.60
N CYS B 134 -0.41 -43.43 -2.93
CA CYS B 134 -1.79 -43.39 -3.39
C CYS B 134 -2.11 -41.95 -3.79
N LEU B 135 -2.48 -41.75 -5.05
CA LEU B 135 -2.69 -40.42 -5.60
C LEU B 135 -4.14 -40.30 -6.06
N ILE B 136 -4.82 -39.27 -5.57
CA ILE B 136 -6.26 -39.10 -5.77
C ILE B 136 -6.47 -37.72 -6.36
N SER B 137 -7.08 -37.66 -7.55
CA SER B 137 -7.22 -36.40 -8.26
C SER B 137 -8.64 -36.26 -8.80
N ASP B 138 -9.06 -35.00 -8.96
CA ASP B 138 -10.27 -34.63 -9.68
C ASP B 138 -11.52 -35.25 -9.06
N PHE B 139 -11.79 -34.84 -7.82
CA PHE B 139 -13.03 -35.21 -7.15
C PHE B 139 -13.66 -33.98 -6.52
N TYR B 140 -14.98 -33.87 -6.67
CA TYR B 140 -15.75 -32.81 -6.04
C TYR B 140 -16.90 -33.45 -5.26
N PRO B 141 -17.14 -33.05 -4.01
CA PRO B 141 -16.42 -32.05 -3.22
C PRO B 141 -15.24 -32.63 -2.45
N GLY B 142 -14.44 -31.78 -1.82
CA GLY B 142 -13.22 -32.21 -1.17
C GLY B 142 -13.41 -32.83 0.20
N ALA B 143 -13.94 -34.05 0.23
CA ALA B 143 -14.09 -34.79 1.47
C ALA B 143 -13.92 -36.27 1.11
N VAL B 144 -12.70 -36.77 1.27
CA VAL B 144 -12.36 -38.14 0.90
C VAL B 144 -11.66 -38.80 2.07
N THR B 145 -11.85 -40.11 2.18
CA THR B 145 -11.24 -40.92 3.23
C THR B 145 -10.53 -42.10 2.59
N VAL B 146 -9.33 -42.41 3.09
CA VAL B 146 -8.47 -43.42 2.50
C VAL B 146 -8.20 -44.49 3.53
N ALA B 147 -8.43 -45.75 3.16
CA ALA B 147 -8.10 -46.89 4.00
C ALA B 147 -7.28 -47.88 3.18
N TRP B 148 -6.26 -48.47 3.79
CA TRP B 148 -5.35 -49.37 3.12
C TRP B 148 -5.69 -50.81 3.46
N LYS B 149 -5.29 -51.72 2.57
CA LYS B 149 -5.47 -53.15 2.78
C LYS B 149 -4.25 -53.90 2.31
N ALA B 150 -3.82 -54.87 3.10
CA ALA B 150 -2.68 -55.74 2.78
C ALA B 150 -3.19 -57.18 2.75
N ASP B 151 -3.49 -57.66 1.55
CA ASP B 151 -4.09 -58.99 1.38
C ASP B 151 -5.36 -59.14 2.21
N SER B 152 -6.28 -58.20 2.03
CA SER B 152 -7.57 -58.18 2.73
C SER B 152 -7.37 -58.13 4.24
N SER B 153 -6.49 -57.25 4.69
CA SER B 153 -6.26 -57.02 6.11
C SER B 153 -5.86 -55.56 6.32
N PRO B 154 -6.64 -54.79 7.07
CA PRO B 154 -6.34 -53.36 7.24
C PRO B 154 -4.99 -53.15 7.90
N VAL B 155 -4.28 -52.12 7.45
CA VAL B 155 -3.04 -51.67 8.05
C VAL B 155 -3.19 -50.22 8.45
N LYS B 156 -2.90 -49.91 9.72
CA LYS B 156 -3.12 -48.59 10.26
C LYS B 156 -1.84 -47.81 10.55
N ALA B 157 -0.71 -48.49 10.68
CA ALA B 157 0.56 -47.84 11.00
C ALA B 157 1.33 -47.55 9.72
N GLY B 158 1.89 -46.34 9.65
CA GLY B 158 2.65 -45.93 8.48
C GLY B 158 1.86 -45.23 7.41
N VAL B 159 0.67 -44.74 7.71
CA VAL B 159 -0.19 -44.08 6.74
C VAL B 159 -0.19 -42.59 7.02
N GLU B 160 0.19 -41.80 6.02
CA GLU B 160 0.17 -40.35 6.09
C GLU B 160 -0.68 -39.84 4.93
N THR B 161 -1.72 -39.08 5.25
CA THR B 161 -2.70 -38.64 4.26
C THR B 161 -2.84 -37.12 4.29
N THR B 162 -2.89 -36.52 3.11
CA THR B 162 -3.07 -35.09 2.99
C THR B 162 -4.53 -34.70 3.03
N THR B 163 -4.81 -33.54 3.58
CA THR B 163 -6.14 -32.95 3.45
C THR B 163 -6.37 -32.53 2.00
N PRO B 164 -7.59 -32.69 1.49
CA PRO B 164 -7.86 -32.31 0.09
C PRO B 164 -7.56 -30.84 -0.15
N SER B 165 -6.99 -30.56 -1.32
CA SER B 165 -6.61 -29.21 -1.71
C SER B 165 -7.26 -28.86 -3.04
N LYS B 166 -7.89 -27.69 -3.09
CA LYS B 166 -8.51 -27.23 -4.33
C LYS B 166 -7.45 -26.87 -5.36
N GLN B 167 -7.56 -27.44 -6.55
CA GLN B 167 -6.64 -27.17 -7.63
C GLN B 167 -7.27 -26.22 -8.65
N SER B 168 -6.59 -26.03 -9.78
CA SER B 168 -6.96 -24.97 -10.70
C SER B 168 -8.36 -25.16 -11.27
N ASN B 169 -8.72 -26.39 -11.62
CA ASN B 169 -10.01 -26.67 -12.22
C ASN B 169 -11.13 -26.83 -11.20
N ASN B 170 -10.95 -26.28 -10.00
CA ASN B 170 -11.92 -26.26 -8.91
C ASN B 170 -12.19 -27.65 -8.34
N LYS B 171 -11.41 -28.65 -8.73
CA LYS B 171 -11.51 -29.98 -8.15
C LYS B 171 -10.54 -30.09 -6.98
N TYR B 172 -10.45 -31.28 -6.41
CA TYR B 172 -9.65 -31.51 -5.22
C TYR B 172 -8.68 -32.66 -5.45
N ALA B 173 -7.52 -32.58 -4.79
CA ALA B 173 -6.48 -33.60 -4.88
C ALA B 173 -6.01 -33.97 -3.49
N ALA B 174 -5.82 -35.27 -3.27
CA ALA B 174 -5.34 -35.78 -1.99
C ALA B 174 -4.33 -36.89 -2.26
N SER B 175 -3.50 -37.17 -1.26
CA SER B 175 -2.46 -38.17 -1.37
C SER B 175 -2.41 -39.00 -0.09
N SER B 176 -1.89 -40.22 -0.21
CA SER B 176 -1.69 -41.08 0.94
C SER B 176 -0.42 -41.89 0.73
N TYR B 177 0.34 -42.06 1.81
CA TYR B 177 1.64 -42.71 1.74
C TYR B 177 1.69 -43.84 2.76
N LEU B 178 2.20 -44.99 2.35
CA LEU B 178 2.31 -46.17 3.20
C LEU B 178 3.78 -46.54 3.33
N SER B 179 4.37 -46.27 4.50
CA SER B 179 5.75 -46.61 4.75
C SER B 179 5.86 -48.07 5.18
N LEU B 180 6.79 -48.80 4.58
CA LEU B 180 6.92 -50.22 4.81
C LEU B 180 8.38 -50.61 4.92
N THR B 181 8.63 -51.71 5.63
CA THR B 181 9.92 -52.36 5.47
C THR B 181 9.86 -53.34 4.29
N PRO B 182 10.94 -53.53 3.55
CA PRO B 182 10.87 -54.42 2.38
C PRO B 182 10.53 -55.86 2.73
N GLU B 183 10.76 -56.29 3.97
CA GLU B 183 10.29 -57.60 4.39
C GLU B 183 8.76 -57.67 4.35
N GLN B 184 8.09 -56.60 4.78
CA GLN B 184 6.64 -56.52 4.72
C GLN B 184 6.10 -56.38 3.30
N TRP B 185 6.97 -56.12 2.33
CA TRP B 185 6.55 -55.96 0.95
C TRP B 185 6.98 -57.16 0.12
N SER B 190 -0.31 -58.76 -1.86
CA SER B 190 -0.78 -57.60 -2.63
C SER B 190 -1.31 -56.51 -1.72
N TYR B 191 -1.10 -55.26 -2.11
CA TYR B 191 -1.53 -54.10 -1.33
C TYR B 191 -2.55 -53.31 -2.13
N SER B 192 -3.61 -52.85 -1.45
CA SER B 192 -4.66 -52.08 -2.10
C SER B 192 -4.97 -50.82 -1.32
N CYS B 193 -5.21 -49.73 -2.06
CA CYS B 193 -5.62 -48.44 -1.51
C CYS B 193 -7.12 -48.27 -1.76
N GLN B 194 -7.88 -48.15 -0.69
CA GLN B 194 -9.34 -48.04 -0.77
C GLN B 194 -9.72 -46.59 -0.52
N VAL B 195 -10.32 -45.96 -1.51
CA VAL B 195 -10.65 -44.53 -1.48
C VAL B 195 -12.16 -44.39 -1.55
N THR B 196 -12.76 -43.90 -0.47
CA THR B 196 -14.21 -43.73 -0.40
C THR B 196 -14.59 -42.26 -0.55
N HIS B 197 -15.63 -42.01 -1.34
CA HIS B 197 -16.05 -40.66 -1.70
C HIS B 197 -17.58 -40.65 -1.79
N GLU B 198 -18.23 -40.25 -0.69
CA GLU B 198 -19.68 -40.21 -0.61
C GLU B 198 -20.31 -41.56 -0.97
N GLY B 199 -19.81 -42.61 -0.31
CA GLY B 199 -20.38 -43.94 -0.42
C GLY B 199 -19.77 -44.81 -1.50
N SER B 200 -19.04 -44.24 -2.45
CA SER B 200 -18.43 -44.99 -3.53
C SER B 200 -16.96 -45.22 -3.23
N THR B 201 -16.50 -46.46 -3.46
CA THR B 201 -15.13 -46.85 -3.17
C THR B 201 -14.40 -47.17 -4.46
N VAL B 202 -13.17 -46.68 -4.58
CA VAL B 202 -12.30 -46.96 -5.73
C VAL B 202 -11.09 -47.71 -5.20
N GLU B 203 -10.76 -48.83 -5.84
CA GLU B 203 -9.72 -49.72 -5.37
C GLU B 203 -8.62 -49.84 -6.42
N LYS B 204 -7.37 -49.79 -5.99
CA LYS B 204 -6.23 -50.10 -6.84
C LYS B 204 -5.31 -51.07 -6.10
N THR B 205 -4.95 -52.16 -6.75
CA THR B 205 -4.18 -53.23 -6.14
C THR B 205 -2.80 -53.29 -6.78
N VAL B 206 -1.78 -53.58 -5.96
CA VAL B 206 -0.40 -53.63 -6.41
C VAL B 206 0.29 -54.83 -5.79
N ALA B 207 1.27 -55.37 -6.52
CA ALA B 207 2.02 -56.53 -6.05
C ALA B 207 3.41 -56.57 -6.70
N CYS C 2 2.83 10.13 1.96
CA CYS C 2 3.65 11.24 1.49
C CYS C 2 4.23 11.00 0.11
N VAL C 3 4.03 11.97 -0.78
CA VAL C 3 4.56 11.91 -2.14
C VAL C 3 5.16 13.27 -2.49
N ASN C 4 6.28 13.25 -3.23
CA ASN C 4 6.94 14.46 -3.67
C ASN C 4 6.47 14.81 -5.07
N LEU C 5 5.93 16.01 -5.24
CA LEU C 5 5.29 16.40 -6.49
C LEU C 5 5.74 17.76 -7.01
N ILE C 6 6.15 18.64 -6.10
CA ILE C 6 6.25 20.07 -6.38
C ILE C 6 7.70 20.43 -6.70
N THR C 7 7.89 21.15 -7.80
CA THR C 7 9.14 21.83 -8.11
C THR C 7 8.90 23.32 -7.94
N ARG C 8 9.71 23.97 -7.11
CA ARG C 8 9.53 25.37 -6.79
C ARG C 8 10.67 26.20 -7.34
N THR C 9 10.32 27.25 -8.10
CA THR C 9 11.27 28.23 -8.57
C THR C 9 10.98 29.57 -7.90
N GLN C 10 11.99 30.45 -7.88
CA GLN C 10 11.81 31.74 -7.25
C GLN C 10 12.43 32.85 -8.11
N SER C 11 11.72 33.97 -8.17
CA SER C 11 12.21 35.23 -8.71
C SER C 11 12.12 36.29 -7.62
N TYR C 12 12.57 37.49 -7.92
CA TYR C 12 12.59 38.58 -6.94
C TYR C 12 11.86 39.78 -7.50
N THR C 13 10.94 40.34 -6.70
CA THR C 13 10.13 41.47 -7.11
C THR C 13 10.10 42.49 -5.97
N ASN C 14 9.37 43.58 -6.22
CA ASN C 14 9.39 44.75 -5.36
C ASN C 14 8.07 44.85 -4.61
N SER C 15 8.12 44.85 -3.29
CA SER C 15 6.99 45.22 -2.44
C SER C 15 7.04 46.73 -2.30
N PHE C 16 6.22 47.42 -3.10
CA PHE C 16 6.25 48.87 -3.12
C PHE C 16 5.83 49.44 -1.77
N THR C 17 4.56 49.26 -1.40
CA THR C 17 4.09 49.78 -0.14
C THR C 17 3.11 48.82 0.53
N ARG C 18 3.04 47.56 0.09
CA ARG C 18 2.06 46.64 0.64
C ARG C 18 2.47 46.19 2.05
N GLY C 19 1.54 45.54 2.73
CA GLY C 19 1.78 44.95 4.02
C GLY C 19 1.38 45.80 5.21
N VAL C 20 0.97 47.05 5.00
CA VAL C 20 0.56 47.90 6.11
C VAL C 20 -0.72 47.34 6.72
N TYR C 21 -0.77 47.26 8.04
CA TYR C 21 -1.93 46.74 8.75
C TYR C 21 -2.25 47.66 9.92
N TYR C 22 -3.48 47.55 10.41
CA TYR C 22 -3.88 48.31 11.58
C TYR C 22 -3.13 47.77 12.79
N PRO C 23 -2.35 48.60 13.50
CA PRO C 23 -1.54 48.07 14.60
C PRO C 23 -2.32 47.82 15.88
N ASP C 24 -3.45 48.50 16.10
CA ASP C 24 -4.29 48.26 17.25
C ASP C 24 -5.74 48.28 16.82
N LYS C 25 -6.63 47.94 17.76
CA LYS C 25 -8.06 47.92 17.52
C LYS C 25 -8.75 49.19 17.99
N VAL C 26 -8.05 50.32 17.91
CA VAL C 26 -8.57 51.61 18.35
C VAL C 26 -8.98 52.42 17.12
N PHE C 27 -10.18 52.97 17.14
CA PHE C 27 -10.67 53.82 16.06
C PHE C 27 -10.03 55.20 16.15
N ARG C 28 -9.39 55.62 15.06
CA ARG C 28 -8.87 56.98 14.93
C ARG C 28 -9.36 57.56 13.62
N SER C 29 -9.54 58.88 13.60
CA SER C 29 -10.00 59.57 12.41
C SER C 29 -9.28 60.91 12.26
N SER C 30 -8.87 61.20 11.02
CA SER C 30 -8.27 62.48 10.66
C SER C 30 -7.06 62.81 11.54
N VAL C 31 -6.16 61.83 11.65
CA VAL C 31 -4.99 61.97 12.51
C VAL C 31 -3.85 61.17 11.92
N LEU C 32 -2.62 61.63 12.17
CA LEU C 32 -1.42 60.86 11.88
C LEU C 32 -0.94 60.21 13.16
N HIS C 33 -0.64 58.92 13.10
CA HIS C 33 -0.28 58.14 14.28
C HIS C 33 1.06 57.46 14.04
N SER C 34 1.96 57.58 15.01
CA SER C 34 3.29 56.98 14.92
C SER C 34 3.31 55.70 15.76
N THR C 35 3.66 54.58 15.11
CA THR C 35 3.71 53.29 15.77
C THR C 35 5.07 52.64 15.51
N GLN C 36 5.45 51.73 16.39
CA GLN C 36 6.72 51.00 16.26
C GLN C 36 6.47 49.53 16.50
N ASP C 37 6.44 48.74 15.44
CA ASP C 37 6.36 47.28 15.58
C ASP C 37 6.80 46.65 14.26
N LEU C 38 6.49 45.37 14.09
CA LEU C 38 6.97 44.59 12.95
C LEU C 38 6.17 44.94 11.70
N PHE C 39 6.81 45.63 10.77
CA PHE C 39 6.22 45.99 9.49
C PHE C 39 7.07 45.43 8.36
N LEU C 40 6.48 45.33 7.17
CA LEU C 40 7.24 45.03 5.97
C LEU C 40 7.77 46.33 5.39
N PRO C 41 9.08 46.53 5.34
CA PRO C 41 9.60 47.82 4.86
C PRO C 41 9.17 48.11 3.43
N PHE C 42 8.99 49.39 3.14
CA PHE C 42 8.56 49.80 1.81
C PHE C 42 9.63 49.50 0.78
N PHE C 43 9.17 49.16 -0.43
CA PHE C 43 10.06 48.86 -1.55
C PHE C 43 11.03 47.73 -1.21
N SER C 44 10.51 46.72 -0.52
CA SER C 44 11.36 45.62 -0.09
C SER C 44 11.55 44.61 -1.21
N ASN C 45 12.60 43.81 -1.07
CA ASN C 45 12.96 42.78 -2.06
C ASN C 45 12.25 41.49 -1.67
N VAL C 46 11.02 41.32 -2.16
CA VAL C 46 10.23 40.15 -1.81
C VAL C 46 10.46 39.06 -2.85
N THR C 47 10.17 37.82 -2.45
CA THR C 47 10.44 36.67 -3.28
C THR C 47 9.14 36.10 -3.84
N TRP C 48 9.13 35.87 -5.14
CA TRP C 48 7.97 35.38 -5.88
C TRP C 48 8.22 33.91 -6.22
N PHE C 49 7.48 33.03 -5.55
CA PHE C 49 7.62 31.59 -5.71
C PHE C 49 6.58 31.06 -6.68
N HIS C 50 7.02 30.16 -7.56
CA HIS C 50 6.16 29.38 -8.44
C HIS C 50 6.33 27.91 -8.06
N ALA C 51 5.29 27.32 -7.48
CA ALA C 51 5.25 25.90 -7.20
C ALA C 51 4.51 25.20 -8.33
N ILE C 52 5.17 24.25 -8.98
CA ILE C 52 4.67 23.65 -10.20
C ILE C 52 4.59 22.15 -10.00
N HIS C 53 3.47 21.56 -10.38
CA HIS C 53 3.31 20.11 -10.50
C HIS C 53 3.04 19.80 -11.96
N VAL C 54 3.99 19.13 -12.61
CA VAL C 54 3.83 18.64 -13.97
C VAL C 54 3.77 17.12 -13.93
N SER C 55 2.73 16.55 -14.53
CA SER C 55 2.50 15.11 -14.51
C SER C 55 3.05 14.48 -15.77
N GLY C 56 3.81 13.40 -15.59
CA GLY C 56 4.37 12.69 -16.73
C GLY C 56 5.84 12.93 -16.95
N THR C 57 6.59 13.09 -15.85
CA THR C 57 8.02 13.31 -15.92
C THR C 57 8.76 12.02 -15.55
N ASN C 58 10.09 12.10 -15.61
CA ASN C 58 10.95 10.99 -15.25
C ASN C 58 12.05 11.49 -14.31
N GLY C 59 12.44 10.64 -13.37
CA GLY C 59 13.44 10.99 -12.39
C GLY C 59 12.82 11.67 -11.17
N THR C 60 13.68 11.90 -10.16
CA THR C 60 13.26 12.49 -8.91
C THR C 60 14.15 13.62 -8.44
N LYS C 61 15.10 14.07 -9.27
CA LYS C 61 15.99 15.15 -8.87
C LYS C 61 15.36 16.52 -9.01
N ARG C 62 14.18 16.62 -9.61
CA ARG C 62 13.55 17.90 -9.88
C ARG C 62 12.64 18.39 -8.75
N PHE C 63 12.40 17.57 -7.73
CA PHE C 63 11.45 17.93 -6.67
C PHE C 63 12.19 18.69 -5.58
N ASP C 64 11.83 19.96 -5.41
CA ASP C 64 12.48 20.82 -4.42
C ASP C 64 11.43 21.79 -3.90
N ASN C 65 10.96 21.56 -2.67
CA ASN C 65 9.96 22.42 -2.05
C ASN C 65 10.20 22.47 -0.54
N PRO C 66 11.32 23.05 -0.11
CA PRO C 66 11.62 23.09 1.31
C PRO C 66 10.85 24.19 2.03
N ALA C 67 10.70 23.99 3.34
CA ALA C 67 10.04 24.99 4.17
C ALA C 67 10.89 26.24 4.29
N LEU C 68 10.24 27.37 4.33
CA LEU C 68 10.89 28.67 4.35
C LEU C 68 11.06 29.18 5.78
N PRO C 69 12.09 29.97 6.04
CA PRO C 69 12.24 30.57 7.37
C PRO C 69 11.10 31.54 7.68
N PHE C 70 10.75 31.60 8.97
CA PHE C 70 9.70 32.50 9.44
C PHE C 70 10.24 33.86 9.86
N ASN C 71 11.48 33.91 10.34
CA ASN C 71 12.15 35.14 10.78
C ASN C 71 11.27 35.77 11.86
N ASP C 72 11.00 37.08 11.81
CA ASP C 72 10.19 37.74 12.81
C ASP C 72 8.72 37.84 12.42
N GLY C 73 8.35 37.40 11.23
CA GLY C 73 7.01 37.56 10.71
C GLY C 73 7.01 37.52 9.20
N VAL C 74 5.84 37.22 8.65
CA VAL C 74 5.73 36.92 7.23
C VAL C 74 4.62 37.76 6.62
N TYR C 75 4.90 38.33 5.44
CA TYR C 75 3.88 38.91 4.57
C TYR C 75 3.70 37.96 3.39
N PHE C 76 2.51 37.41 3.26
CA PHE C 76 2.17 36.44 2.24
C PHE C 76 1.18 37.08 1.27
N ALA C 77 1.38 36.86 -0.03
CA ALA C 77 0.48 37.42 -1.03
C ALA C 77 0.22 36.39 -2.11
N SER C 78 -0.98 36.44 -2.70
CA SER C 78 -1.32 35.54 -3.79
C SER C 78 -2.36 36.20 -4.69
N THR C 79 -2.42 35.73 -5.92
CA THR C 79 -3.42 36.18 -6.89
C THR C 79 -4.01 34.97 -7.61
N GLU C 80 -4.32 33.94 -6.84
CA GLU C 80 -4.87 32.70 -7.37
C GLU C 80 -6.39 32.72 -7.29
N LYS C 81 -7.02 31.87 -8.10
CA LYS C 81 -8.47 31.80 -8.17
C LYS C 81 -9.03 30.42 -7.90
N SER C 82 -8.37 29.37 -8.36
CA SER C 82 -8.93 28.02 -8.27
C SER C 82 -8.50 27.29 -7.01
N ASN C 83 -8.60 27.97 -5.87
CA ASN C 83 -8.43 27.38 -4.54
C ASN C 83 -7.21 26.47 -4.44
N ILE C 84 -6.13 26.78 -5.15
CA ILE C 84 -4.98 25.89 -5.12
C ILE C 84 -4.19 26.07 -3.83
N ILE C 85 -4.25 27.24 -3.22
CA ILE C 85 -3.61 27.49 -1.93
C ILE C 85 -4.67 27.37 -0.85
N ARG C 86 -4.45 26.48 0.11
CA ARG C 86 -5.44 26.19 1.13
C ARG C 86 -5.03 26.61 2.53
N GLY C 87 -3.78 26.97 2.75
CA GLY C 87 -3.39 27.32 4.11
C GLY C 87 -1.90 27.16 4.32
N TRP C 88 -1.53 26.94 5.57
CA TRP C 88 -0.13 27.04 5.93
C TRP C 88 0.22 26.11 7.10
N ILE C 89 1.53 25.90 7.26
CA ILE C 89 2.12 25.10 8.31
C ILE C 89 3.19 25.94 8.98
N PHE C 90 3.18 26.02 10.31
CA PHE C 90 4.17 26.78 11.06
C PHE C 90 4.77 25.89 12.14
N GLY C 91 6.09 25.98 12.32
CA GLY C 91 6.74 25.22 13.35
C GLY C 91 8.25 25.24 13.18
N THR C 92 8.93 24.49 14.04
CA THR C 92 10.39 24.47 14.06
C THR C 92 10.95 23.26 13.31
N THR C 93 10.58 22.05 13.74
CA THR C 93 11.08 20.84 13.10
C THR C 93 10.06 20.17 12.20
N LEU C 94 8.78 20.53 12.33
CA LEU C 94 7.71 19.99 11.49
C LEU C 94 7.64 18.47 11.56
N ASP C 95 7.91 17.92 12.75
CA ASP C 95 7.78 16.49 12.99
C ASP C 95 7.20 16.27 14.38
N SER C 96 7.09 15.01 14.78
CA SER C 96 6.45 14.64 16.03
C SER C 96 7.22 15.10 17.27
N LYS C 97 8.48 15.51 17.11
CA LYS C 97 9.26 15.93 18.27
C LYS C 97 8.68 17.20 18.91
N THR C 98 8.25 18.15 18.08
CA THR C 98 7.79 19.44 18.56
C THR C 98 6.35 19.67 18.10
N GLN C 99 5.77 20.78 18.57
CA GLN C 99 4.42 21.16 18.21
C GLN C 99 4.42 22.05 16.97
N SER C 100 3.37 21.91 16.16
CA SER C 100 3.24 22.68 14.93
C SER C 100 1.79 23.13 14.77
N LEU C 101 1.63 24.21 14.01
CA LEU C 101 0.35 24.86 13.78
C LEU C 101 -0.05 24.67 12.32
N LEU C 102 -1.25 24.14 12.10
CA LEU C 102 -1.76 23.85 10.77
C LEU C 102 -3.03 24.65 10.53
N ILE C 103 -3.08 25.35 9.40
CA ILE C 103 -4.24 26.14 8.99
C ILE C 103 -4.71 25.61 7.64
N VAL C 104 -5.98 25.22 7.55
CA VAL C 104 -6.57 24.65 6.34
C VAL C 104 -7.91 25.33 6.08
N ASN C 105 -8.19 25.62 4.81
CA ASN C 105 -9.45 26.21 4.36
C ASN C 105 -10.10 25.29 3.34
N ASN C 106 -11.38 24.93 3.56
CA ASN C 106 -12.12 24.17 2.54
C ASN C 106 -13.55 24.69 2.37
N ALA C 107 -13.71 25.77 1.62
CA ALA C 107 -14.95 26.14 0.95
C ALA C 107 -16.13 26.39 1.89
N THR C 108 -15.99 26.02 3.16
CA THR C 108 -17.01 26.30 4.17
C THR C 108 -16.43 26.74 5.51
N ASN C 109 -15.17 26.41 5.82
CA ASN C 109 -14.63 26.60 7.15
C ASN C 109 -13.13 26.76 7.06
N VAL C 110 -12.55 27.26 8.15
CA VAL C 110 -11.12 27.21 8.38
C VAL C 110 -10.88 26.39 9.64
N VAL C 111 -9.95 25.45 9.56
CA VAL C 111 -9.56 24.62 10.69
C VAL C 111 -8.14 24.97 11.05
N ILE C 112 -7.94 25.34 12.32
CA ILE C 112 -6.65 25.74 12.86
C ILE C 112 -6.34 24.82 14.02
N LYS C 113 -5.25 24.07 13.93
CA LYS C 113 -4.87 23.10 14.95
C LYS C 113 -3.44 23.31 15.37
N VAL C 114 -3.15 22.94 16.62
CA VAL C 114 -1.79 22.89 17.14
C VAL C 114 -1.57 21.48 17.67
N CYS C 115 -0.77 20.69 16.96
CA CYS C 115 -0.54 19.30 17.33
C CYS C 115 0.88 18.93 16.95
N GLU C 116 1.33 17.77 17.44
CA GLU C 116 2.64 17.24 17.08
C GLU C 116 2.52 16.47 15.76
N PHE C 117 2.29 17.23 14.69
CA PHE C 117 2.14 16.64 13.36
C PHE C 117 3.47 16.07 12.88
N GLN C 118 3.40 14.90 12.25
CA GLN C 118 4.52 14.38 11.47
C GLN C 118 4.25 14.72 10.01
N PHE C 119 4.59 15.96 9.65
CA PHE C 119 4.29 16.47 8.33
C PHE C 119 5.09 15.73 7.25
N CYS C 120 4.48 15.62 6.07
CA CYS C 120 5.19 15.08 4.92
C CYS C 120 6.19 16.10 4.39
N ASN C 121 7.17 15.59 3.65
CA ASN C 121 8.16 16.47 3.03
C ASN C 121 7.52 17.46 2.08
N ASP C 122 6.49 17.03 1.35
CA ASP C 122 5.77 17.87 0.39
C ASP C 122 4.28 17.75 0.70
N PRO C 123 3.80 18.45 1.72
CA PRO C 123 2.39 18.29 2.13
C PRO C 123 1.44 19.00 1.19
N PHE C 124 0.30 18.35 0.94
CA PHE C 124 -0.76 18.93 0.12
C PHE C 124 -2.05 18.16 0.35
N LEU C 125 -3.17 18.87 0.25
CA LEU C 125 -4.48 18.25 0.29
C LEU C 125 -4.71 17.45 -0.98
N ASP C 126 -5.23 16.23 -0.81
CA ASP C 126 -5.48 15.34 -1.94
C ASP C 126 -6.98 15.36 -2.22
N VAL C 127 -7.37 15.94 -3.36
CA VAL C 127 -8.78 16.06 -3.72
C VAL C 127 -9.09 15.00 -4.75
N TYR C 128 -10.02 14.11 -4.43
CA TYR C 128 -10.34 12.97 -5.27
C TYR C 128 -11.85 12.89 -5.47
N GLN C 129 -12.24 12.35 -6.61
CA GLN C 129 -13.65 12.29 -6.98
C GLN C 129 -14.32 11.07 -6.37
N LYS C 130 -15.51 11.27 -5.80
CA LYS C 130 -16.34 10.20 -5.27
C LYS C 130 -17.69 10.23 -5.97
N ASN C 131 -18.14 9.05 -6.41
CA ASN C 131 -19.46 8.85 -7.01
C ASN C 131 -19.67 9.70 -8.26
N ASN C 132 -18.58 10.11 -8.91
CA ASN C 132 -18.63 10.88 -10.16
C ASN C 132 -19.30 12.23 -9.99
N LYS C 133 -19.70 12.57 -8.76
CA LYS C 133 -20.32 13.85 -8.47
C LYS C 133 -19.51 14.68 -7.48
N SER C 134 -19.16 14.12 -6.34
CA SER C 134 -18.55 14.90 -5.27
C SER C 134 -17.03 14.86 -5.34
N TRP C 135 -16.40 15.85 -4.70
CA TRP C 135 -14.96 15.88 -4.54
C TRP C 135 -14.65 15.91 -3.05
N MET C 136 -13.88 14.94 -2.58
CA MET C 136 -13.52 14.84 -1.17
C MET C 136 -12.03 15.12 -1.00
N GLU C 137 -11.71 15.78 0.10
CA GLU C 137 -10.35 16.20 0.41
C GLU C 137 -9.78 15.34 1.53
N SER C 138 -8.55 14.89 1.35
CA SER C 138 -7.86 14.07 2.32
C SER C 138 -6.59 14.76 2.79
N GLU C 139 -6.30 14.61 4.07
CA GLU C 139 -5.09 15.10 4.71
C GLU C 139 -4.05 14.01 4.90
N PHE C 140 -4.25 12.83 4.29
CA PHE C 140 -3.31 11.73 4.46
C PHE C 140 -1.96 12.03 3.81
N ARG C 141 -1.90 13.02 2.93
CA ARG C 141 -0.64 13.43 2.31
C ARG C 141 -0.15 14.76 2.83
N VAL C 142 -0.75 15.28 3.90
CA VAL C 142 -0.25 16.43 4.63
C VAL C 142 0.57 16.01 5.84
N TYR C 143 0.01 15.14 6.67
CA TYR C 143 0.71 14.60 7.82
C TYR C 143 0.41 13.11 7.92
N SER C 144 1.36 12.37 8.51
CA SER C 144 1.17 10.94 8.75
C SER C 144 0.60 10.65 10.12
N SER C 145 0.77 11.56 11.08
CA SER C 145 0.22 11.40 12.41
C SER C 145 0.02 12.77 13.03
N ALA C 146 -1.08 12.92 13.78
CA ALA C 146 -1.39 14.15 14.50
C ALA C 146 -1.74 13.76 15.94
N ASN C 147 -0.82 14.01 16.85
CA ASN C 147 -0.96 13.59 18.23
C ASN C 147 -0.85 14.78 19.18
N ASN C 148 -1.33 14.58 20.40
CA ASN C 148 -1.17 15.54 21.48
C ASN C 148 -1.69 16.92 21.09
N CYS C 149 -2.89 16.94 20.51
CA CYS C 149 -3.47 18.18 20.04
C CYS C 149 -3.85 19.07 21.22
N THR C 150 -3.41 20.34 21.17
CA THR C 150 -3.63 21.27 22.27
C THR C 150 -4.52 22.45 21.91
N PHE C 151 -4.72 22.73 20.63
CA PHE C 151 -5.52 23.87 20.21
C PHE C 151 -6.37 23.50 19.01
N GLU C 152 -7.53 24.13 18.91
CA GLU C 152 -8.44 23.92 17.79
C GLU C 152 -9.32 25.15 17.62
N TYR C 153 -9.55 25.54 16.37
CA TYR C 153 -10.34 26.73 16.07
C TYR C 153 -11.02 26.53 14.72
N VAL C 154 -12.33 26.71 14.68
CA VAL C 154 -13.12 26.57 13.46
C VAL C 154 -13.92 27.85 13.26
N SER C 155 -13.88 28.39 12.04
CA SER C 155 -14.61 29.61 11.72
C SER C 155 -14.82 29.65 10.21
N GLN C 156 -15.25 30.82 9.71
CA GLN C 156 -15.44 31.00 8.29
C GLN C 156 -14.09 31.05 7.57
N PRO C 157 -14.06 30.72 6.28
CA PRO C 157 -12.77 30.58 5.59
C PRO C 157 -12.00 31.89 5.52
N PHE C 158 -10.67 31.78 5.62
CA PHE C 158 -9.81 32.93 5.39
C PHE C 158 -9.72 33.26 3.91
N LEU C 159 -9.70 32.24 3.07
CA LEU C 159 -9.53 32.40 1.64
C LEU C 159 -10.84 32.24 0.89
N LYS C 170 -6.84 38.54 -10.48
CA LYS C 170 -7.79 39.64 -10.45
C LYS C 170 -8.15 40.01 -9.02
N ASN C 171 -7.95 39.08 -8.10
CA ASN C 171 -8.18 39.29 -6.68
C ASN C 171 -6.90 38.94 -5.92
N LEU C 172 -6.29 39.96 -5.31
CA LEU C 172 -5.07 39.78 -4.53
C LEU C 172 -5.43 39.54 -3.08
N ARG C 173 -4.89 38.46 -2.51
CA ARG C 173 -5.11 38.08 -1.13
C ARG C 173 -3.79 38.27 -0.38
N GLU C 174 -3.81 39.13 0.63
CA GLU C 174 -2.62 39.45 1.41
C GLU C 174 -2.84 39.10 2.87
N PHE C 175 -1.81 38.51 3.48
CA PHE C 175 -1.82 38.09 4.87
C PHE C 175 -0.54 38.55 5.55
N VAL C 176 -0.66 38.84 6.84
CA VAL C 176 0.49 39.12 7.69
C VAL C 176 0.40 38.19 8.89
N PHE C 177 1.45 37.41 9.12
CA PHE C 177 1.55 36.49 10.24
C PHE C 177 2.65 36.97 11.18
N LYS C 178 2.32 37.11 12.45
CA LYS C 178 3.32 37.40 13.47
C LYS C 178 3.08 36.51 14.69
N ASN C 179 4.14 36.26 15.45
CA ASN C 179 4.12 35.34 16.58
C ASN C 179 4.79 36.04 17.76
N ILE C 180 4.00 36.72 18.59
CA ILE C 180 4.52 37.57 19.65
C ILE C 180 3.79 37.27 20.95
N ASP C 181 4.56 37.09 22.02
CA ASP C 181 4.03 36.99 23.39
C ASP C 181 2.98 35.89 23.51
N GLY C 182 3.24 34.75 22.87
CA GLY C 182 2.31 33.64 22.94
C GLY C 182 1.05 33.81 22.12
N TYR C 183 1.01 34.77 21.21
CA TYR C 183 -0.13 34.99 20.34
C TYR C 183 0.32 34.93 18.89
N PHE C 184 -0.40 34.15 18.08
CA PHE C 184 -0.20 34.13 16.63
C PHE C 184 -1.25 35.06 16.02
N LYS C 185 -0.81 36.23 15.60
CA LYS C 185 -1.69 37.26 15.07
C LYS C 185 -1.69 37.20 13.53
N ILE C 186 -2.89 37.21 12.96
CA ILE C 186 -3.09 37.15 11.52
C ILE C 186 -3.84 38.40 11.08
N TYR C 187 -3.38 39.01 10.00
CA TYR C 187 -4.07 40.13 9.36
C TYR C 187 -4.31 39.77 7.90
N SER C 188 -5.45 40.18 7.37
CA SER C 188 -5.85 39.78 6.02
C SER C 188 -6.44 40.94 5.25
N LYS C 189 -6.37 40.84 3.92
CA LYS C 189 -7.04 41.78 3.04
C LYS C 189 -7.22 41.15 1.67
N HIS C 190 -8.35 41.46 1.04
CA HIS C 190 -8.66 41.07 -0.33
C HIS C 190 -8.87 42.32 -1.16
N THR C 191 -8.20 42.40 -2.31
CA THR C 191 -8.22 43.61 -3.12
C THR C 191 -8.43 43.25 -4.58
N PRO C 192 -9.43 43.82 -5.25
CA PRO C 192 -9.56 43.60 -6.70
C PRO C 192 -8.51 44.38 -7.47
N ILE C 193 -7.62 43.65 -8.16
CA ILE C 193 -6.52 44.25 -8.90
C ILE C 193 -6.66 43.88 -10.37
N ASN C 194 -5.90 44.57 -11.21
CA ASN C 194 -5.95 44.37 -12.66
C ASN C 194 -4.66 43.83 -13.24
N LEU C 195 -3.50 44.25 -12.74
CA LEU C 195 -2.23 43.78 -13.26
C LEU C 195 -1.96 42.35 -12.85
N LEU C 199 2.92 43.11 -7.79
CA LEU C 199 2.29 43.73 -6.64
C LEU C 199 1.87 45.16 -6.95
N PRO C 200 0.65 45.52 -6.58
CA PRO C 200 0.09 46.80 -7.00
C PRO C 200 0.69 47.97 -6.24
N GLN C 201 0.43 49.16 -6.77
CA GLN C 201 0.78 50.40 -6.09
C GLN C 201 -0.31 50.72 -5.07
N GLY C 202 -0.26 51.91 -4.49
CA GLY C 202 -1.34 52.30 -3.62
C GLY C 202 -1.28 51.63 -2.25
N PHE C 203 -2.42 51.69 -1.56
CA PHE C 203 -2.53 51.24 -0.19
C PHE C 203 -3.74 50.34 -0.02
N SER C 204 -3.57 49.29 0.79
CA SER C 204 -4.69 48.46 1.23
C SER C 204 -4.33 47.95 2.62
N ALA C 205 -4.77 48.68 3.66
CA ALA C 205 -4.42 48.32 5.02
C ALA C 205 -5.07 46.99 5.39
N LEU C 206 -4.27 46.09 5.94
CA LEU C 206 -4.72 44.75 6.29
C LEU C 206 -5.43 44.80 7.64
N GLU C 207 -6.53 44.09 7.73
CA GLU C 207 -7.33 44.17 8.93
C GLU C 207 -7.11 42.94 9.80
N PRO C 208 -7.22 43.08 11.12
CA PRO C 208 -7.04 41.92 12.00
C PRO C 208 -8.06 40.83 11.70
N LEU C 209 -7.61 39.58 11.78
CA LEU C 209 -8.44 38.43 11.47
C LEU C 209 -8.70 37.54 12.68
N VAL C 210 -7.65 37.14 13.39
CA VAL C 210 -7.79 36.33 14.59
C VAL C 210 -6.48 36.41 15.37
N ASP C 211 -6.57 36.33 16.69
CA ASP C 211 -5.41 36.31 17.58
C ASP C 211 -5.45 35.00 18.34
N LEU C 212 -4.67 34.02 17.88
CA LEU C 212 -4.70 32.69 18.45
C LEU C 212 -3.83 32.64 19.71
N PRO C 213 -4.36 32.23 20.85
CA PRO C 213 -3.57 32.17 22.10
C PRO C 213 -2.79 30.87 22.23
N ILE C 214 -1.75 30.72 21.41
CA ILE C 214 -0.91 29.53 21.40
C ILE C 214 0.53 29.95 21.66
N GLY C 215 1.14 29.36 22.68
CA GLY C 215 2.52 29.63 22.99
C GLY C 215 3.47 28.69 22.29
N ILE C 216 3.62 28.86 20.98
CA ILE C 216 4.39 27.94 20.15
C ILE C 216 5.63 28.66 19.63
N ASN C 217 6.68 27.89 19.41
CA ASN C 217 7.94 28.39 18.87
C ASN C 217 7.96 28.12 17.37
N ILE C 218 8.01 29.19 16.58
CA ILE C 218 7.91 29.10 15.12
C ILE C 218 9.18 29.65 14.50
N THR C 219 9.80 28.86 13.62
CA THR C 219 11.01 29.27 12.93
C THR C 219 10.85 29.10 11.43
N ARG C 220 9.97 28.19 11.02
CA ARG C 220 9.76 27.87 9.61
C ARG C 220 8.27 27.76 9.32
N PHE C 221 7.92 27.99 8.06
CA PHE C 221 6.57 27.86 7.58
C PHE C 221 6.59 27.29 6.16
N GLN C 222 5.48 26.64 5.81
CA GLN C 222 5.30 25.97 4.53
C GLN C 222 3.91 26.24 4.00
N THR C 223 3.82 26.56 2.71
CA THR C 223 2.52 26.77 2.07
C THR C 223 1.89 25.43 1.73
N LEU C 224 0.59 25.32 1.98
CA LEU C 224 -0.15 24.08 1.74
C LEU C 224 -1.01 24.25 0.50
N LEU C 225 -0.80 23.37 -0.48
CA LEU C 225 -1.56 23.39 -1.72
C LEU C 225 -2.62 22.29 -1.71
N ALA C 226 -3.47 22.30 -2.73
CA ALA C 226 -4.45 21.24 -2.94
C ALA C 226 -4.35 20.79 -4.38
N LEU C 227 -4.35 19.47 -4.59
CA LEU C 227 -4.19 18.92 -5.93
C LEU C 227 -5.31 17.94 -6.22
N HIS C 228 -5.95 18.11 -7.38
CA HIS C 228 -7.00 17.22 -7.85
C HIS C 228 -6.40 16.04 -8.57
N ARG C 229 -7.01 14.87 -8.36
CA ARG C 229 -6.55 13.66 -9.04
C ARG C 229 -6.95 13.70 -10.50
N SER C 230 -6.10 13.12 -11.34
CA SER C 230 -6.30 13.13 -12.79
C SER C 230 -6.92 11.81 -13.24
N TYR C 231 -7.96 11.91 -14.06
CA TYR C 231 -8.63 10.75 -14.64
C TYR C 231 -8.58 10.87 -16.15
N LEU C 232 -7.88 9.94 -16.81
CA LEU C 232 -7.79 9.98 -18.27
C LEU C 232 -9.16 9.78 -18.91
N THR C 233 -9.92 8.83 -18.40
CA THR C 233 -11.28 8.56 -18.86
C THR C 233 -12.14 8.31 -17.63
N PRO C 234 -13.46 8.52 -17.74
CA PRO C 234 -14.33 8.29 -16.57
C PRO C 234 -14.33 6.85 -16.08
N VAL C 235 -13.95 5.88 -16.93
CA VAL C 235 -13.92 4.49 -16.50
C VAL C 235 -12.58 4.10 -15.90
N ASP C 236 -11.58 4.97 -15.93
CA ASP C 236 -10.26 4.68 -15.41
C ASP C 236 -10.11 5.20 -13.98
N SER C 237 -9.14 4.63 -13.28
CA SER C 237 -8.79 5.07 -11.94
C SER C 237 -7.90 6.32 -12.03
N SER C 238 -7.44 6.80 -10.89
CA SER C 238 -6.58 7.97 -10.85
C SER C 238 -5.17 7.60 -11.27
N SER C 239 -4.57 8.41 -12.14
CA SER C 239 -3.21 8.21 -12.62
C SER C 239 -2.24 9.21 -12.02
N GLY C 240 -2.60 9.82 -10.90
CA GLY C 240 -1.80 10.87 -10.32
C GLY C 240 -2.64 12.10 -10.05
N TRP C 241 -2.05 13.28 -10.25
CA TRP C 241 -2.75 14.54 -10.01
C TRP C 241 -2.65 15.43 -11.22
N THR C 242 -3.66 16.27 -11.40
CA THR C 242 -3.70 17.19 -12.53
C THR C 242 -2.60 18.25 -12.38
N ALA C 243 -1.95 18.57 -13.49
CA ALA C 243 -0.87 19.55 -13.48
C ALA C 243 -1.38 20.89 -12.95
N GLY C 244 -0.60 21.49 -12.07
CA GLY C 244 -1.02 22.73 -11.43
C GLY C 244 0.13 23.67 -11.19
N ALA C 245 -0.21 24.94 -10.98
CA ALA C 245 0.77 25.97 -10.66
C ALA C 245 0.19 26.90 -9.61
N ALA C 246 1.00 27.24 -8.63
CA ALA C 246 0.62 28.17 -7.57
C ALA C 246 1.75 29.18 -7.38
N ALA C 247 1.44 30.46 -7.57
CA ALA C 247 2.43 31.53 -7.43
C ALA C 247 2.07 32.39 -6.22
N TYR C 248 3.05 32.67 -5.38
CA TYR C 248 2.81 33.53 -4.23
C TYR C 248 4.03 34.41 -3.97
N TYR C 249 3.84 35.39 -3.09
CA TYR C 249 4.86 36.35 -2.71
C TYR C 249 5.12 36.24 -1.22
N VAL C 250 6.40 36.27 -0.84
CA VAL C 250 6.81 36.23 0.56
C VAL C 250 7.74 37.39 0.84
N GLY C 251 7.42 38.15 1.90
CA GLY C 251 8.33 39.11 2.46
C GLY C 251 8.43 38.92 3.96
N TYR C 252 9.42 39.59 4.57
CA TYR C 252 9.72 39.39 5.98
C TYR C 252 9.60 40.68 6.75
N LEU C 253 8.94 40.61 7.91
CA LEU C 253 8.76 41.78 8.76
C LEU C 253 10.04 42.12 9.52
N GLN C 254 10.24 43.40 9.75
CA GLN C 254 11.32 43.96 10.56
C GLN C 254 10.73 44.99 11.51
N PRO C 255 11.39 45.23 12.65
CA PRO C 255 10.89 46.26 13.57
C PRO C 255 11.11 47.65 13.03
N ARG C 256 10.03 48.32 12.61
CA ARG C 256 10.09 49.65 12.06
C ARG C 256 9.09 50.56 12.74
N THR C 257 9.30 51.85 12.58
CA THR C 257 8.38 52.90 12.99
C THR C 257 7.68 53.46 11.75
N PHE C 258 6.36 53.50 11.80
CA PHE C 258 5.52 53.96 10.70
C PHE C 258 4.66 55.13 11.15
N LEU C 259 4.50 56.10 10.25
CA LEU C 259 3.57 57.21 10.42
C LEU C 259 2.35 56.92 9.53
N LEU C 260 1.27 56.48 10.16
CA LEU C 260 0.06 56.09 9.45
C LEU C 260 -0.92 57.26 9.42
N LYS C 261 -1.65 57.39 8.32
CA LYS C 261 -2.65 58.43 8.14
C LYS C 261 -4.03 57.82 8.18
N TYR C 262 -4.88 58.34 9.07
CA TYR C 262 -6.27 57.94 9.16
C TYR C 262 -7.14 59.05 8.56
N ASN C 263 -8.11 58.66 7.77
CA ASN C 263 -9.01 59.61 7.13
C ASN C 263 -10.20 59.90 8.05
N GLU C 264 -11.21 60.59 7.53
CA GLU C 264 -12.37 60.93 8.33
C GLU C 264 -13.12 59.68 8.77
N ASN C 265 -13.19 58.68 7.91
CA ASN C 265 -13.94 57.46 8.20
C ASN C 265 -13.16 56.47 9.06
N GLY C 266 -11.88 56.73 9.32
CA GLY C 266 -11.09 55.88 10.18
C GLY C 266 -10.19 54.89 9.48
N THR C 267 -10.13 54.90 8.16
CA THR C 267 -9.32 53.95 7.42
C THR C 267 -7.91 54.50 7.24
N ILE C 268 -6.94 53.59 7.20
CA ILE C 268 -5.55 53.96 6.96
C ILE C 268 -5.37 54.15 5.46
N THR C 269 -5.15 55.39 5.04
CA THR C 269 -5.08 55.72 3.63
C THR C 269 -3.66 55.98 3.13
N ASP C 270 -2.69 56.11 4.02
CA ASP C 270 -1.32 56.40 3.63
C ASP C 270 -0.40 56.08 4.79
N ALA C 271 0.89 55.90 4.48
CA ALA C 271 1.87 55.58 5.51
C ALA C 271 3.23 56.08 5.06
N VAL C 272 4.13 56.23 6.04
CA VAL C 272 5.49 56.67 5.81
C VAL C 272 6.43 55.73 6.55
N ASP C 273 7.43 55.20 5.85
CA ASP C 273 8.48 54.39 6.46
C ASP C 273 9.61 55.33 6.89
N CYS C 274 9.73 55.54 8.20
CA CYS C 274 10.65 56.56 8.71
C CYS C 274 12.10 56.25 8.37
N ALA C 275 12.47 54.97 8.33
CA ALA C 275 13.85 54.56 8.12
C ALA C 275 14.18 54.35 6.65
N LEU C 276 13.23 54.60 5.75
CA LEU C 276 13.47 54.32 4.33
C LEU C 276 14.53 55.24 3.74
N ASP C 277 14.43 56.54 4.02
CA ASP C 277 15.31 57.52 3.41
C ASP C 277 15.21 58.85 4.15
N PRO C 278 16.12 59.80 3.91
CA PRO C 278 16.08 61.08 4.65
C PRO C 278 14.77 61.84 4.52
N LEU C 279 14.12 61.83 3.35
CA LEU C 279 12.88 62.58 3.20
C LEU C 279 11.77 62.01 4.08
N SER C 280 11.64 60.68 4.10
CA SER C 280 10.65 60.07 4.97
C SER C 280 11.01 60.23 6.43
N GLU C 281 12.31 60.24 6.76
CA GLU C 281 12.71 60.51 8.14
C GLU C 281 12.31 61.92 8.55
N THR C 282 12.47 62.89 7.64
CA THR C 282 12.03 64.25 7.90
C THR C 282 10.52 64.31 8.10
N LYS C 283 9.78 63.56 7.28
CA LYS C 283 8.33 63.53 7.42
C LYS C 283 7.92 62.96 8.77
N CYS C 284 8.59 61.89 9.22
CA CYS C 284 8.29 61.30 10.51
C CYS C 284 8.67 62.24 11.66
N THR C 285 9.79 62.95 11.53
CA THR C 285 10.17 63.91 12.56
C THR C 285 9.17 65.06 12.64
N LEU C 286 8.72 65.58 11.50
CA LEU C 286 7.77 66.67 11.49
C LEU C 286 6.35 66.23 11.79
N LYS C 287 6.07 64.93 11.77
CA LYS C 287 4.72 64.39 11.93
C LYS C 287 3.78 64.98 10.90
N SER C 288 4.29 65.17 9.69
CA SER C 288 3.50 65.65 8.56
C SER C 288 3.96 64.92 7.31
N PHE C 289 3.07 64.83 6.34
CA PHE C 289 3.39 64.18 5.08
C PHE C 289 3.93 65.20 4.09
#